data_6JZ1
#
_entry.id   6JZ1
#
_cell.length_a   163.008
_cell.length_b   103.128
_cell.length_c   112.617
_cell.angle_alpha   90.000
_cell.angle_beta   130.960
_cell.angle_gamma   90.000
#
_symmetry.space_group_name_H-M   'C 1 2 1'
#
loop_
_entity.id
_entity.type
_entity.pdbx_description
1 polymer Beta-glucuronidase
2 non-polymer (4R)-2-METHYLPENTANE-2,4-DIOL
3 water water
#
_entity_poly.entity_id   1
_entity_poly.type   'polypeptide(L)'
_entity_poly.pdbx_seq_one_letter_code
;MLEYSELYPIQNEYRMMQSLDGMWKFQFDPEEIGKKSGWENGLPAPVSMPVPSSFADFFTDHKERDYCGDFWYETEFYLP
AEWRNKKIWLRFGSITHRGTVYCNGMEITSHEGGFLPVLADISTVAKPGQVNQVVVKINNELNETSLPCGATKILNNGRK
LAKPYFDFFNYSGLQRSVWVIALPEESVKDYSVDYELCGTDALVKYEVVTTGEHPVIVRLLDAEGELVAETEGKEGILQV
ANARLWEVRNAYLYQIVILITDGNGVLDEYREKIGIRTVRIEGTKILLNDRPVYLKGFGKHEDFPILGRGFHWGIVKRDF
ECLKWTNANCFRTSHYPYAEEWYQFADEEGFLIIDEVPAVGMMRSTRNFVAAGSGNYTYFFEALTVPELLKSHIADTEEM
ITRDKNHPSVIAWSLFNEPETITDYAYEYFKEVFAAAETYDFQSRPMTGAFEKNSKPELCKCYPLCDFICLNRYYGWYIS
GGPEIEEAEELFRDEMDRWKAKELNVPFVFTEFGTDTMAGLHKLPSIMWSEEYQKEYLEMNFRVFDSYEFVQGELAWNFA
DFQTTEGIMRVDGNHKGVFTRDRQPKAAAVVFKDRWEKKNELF
;
_entity_poly.pdbx_strand_id   A,B
#
# COMPACT_ATOMS: atom_id res chain seq x y z
N LEU A 2 7.90 -7.14 30.66
CA LEU A 2 6.74 -6.54 30.08
C LEU A 2 5.57 -7.44 30.36
N GLU A 3 4.39 -6.89 30.37
CA GLU A 3 3.17 -7.64 30.67
C GLU A 3 2.58 -8.28 29.43
N TYR A 4 3.43 -8.46 28.41
CA TYR A 4 2.98 -8.95 27.12
C TYR A 4 4.20 -9.33 26.29
N SER A 5 3.95 -10.02 25.19
CA SER A 5 5.01 -10.44 24.28
C SER A 5 5.20 -9.43 23.15
N GLU A 6 6.45 -9.16 22.80
CA GLU A 6 6.75 -8.35 21.61
C GLU A 6 6.94 -9.22 20.36
N LEU A 7 6.87 -10.54 20.53
CA LEU A 7 7.19 -11.45 19.43
C LEU A 7 6.28 -11.25 18.23
N TYR A 8 6.87 -11.20 17.04
CA TYR A 8 6.10 -11.03 15.83
C TYR A 8 5.12 -12.19 15.68
N PRO A 9 3.88 -11.89 15.29
CA PRO A 9 2.88 -12.96 15.24
C PRO A 9 3.12 -13.97 14.10
N ILE A 10 2.96 -15.25 14.41
CA ILE A 10 3.06 -16.27 13.38
C ILE A 10 1.85 -17.19 13.41
N GLN A 11 1.75 -18.00 12.36
CA GLN A 11 0.62 -18.88 12.21
C GLN A 11 1.12 -20.31 12.11
N ASN A 12 0.69 -21.14 13.04
CA ASN A 12 1.02 -22.55 13.01
C ASN A 12 -0.02 -23.36 13.75
N GLU A 13 0.35 -24.56 14.18
CA GLU A 13 -0.62 -25.44 14.83
C GLU A 13 -1.10 -24.90 16.17
N TYR A 14 -0.32 -24.02 16.79
CA TYR A 14 -0.61 -23.56 18.15
C TYR A 14 -0.99 -22.07 18.20
N ARG A 15 -0.58 -21.33 17.18
CA ARG A 15 -0.80 -19.88 17.13
C ARG A 15 -1.60 -19.49 15.90
N MET A 16 -2.61 -18.64 16.08
CA MET A 16 -3.40 -18.15 14.95
C MET A 16 -3.30 -16.64 14.81
N MET A 17 -3.54 -16.14 13.60
CA MET A 17 -3.54 -14.70 13.39
C MET A 17 -4.50 -14.36 12.29
N GLN A 18 -5.12 -13.20 12.40
CA GLN A 18 -6.07 -12.73 11.41
C GLN A 18 -5.87 -11.23 11.25
N SER A 19 -5.72 -10.77 10.03
CA SER A 19 -5.46 -9.35 9.81
C SER A 19 -6.71 -8.53 9.95
N LEU A 20 -6.57 -7.38 10.60
CA LEU A 20 -7.65 -6.42 10.74
C LEU A 20 -7.47 -5.23 9.82
N ASP A 21 -6.45 -5.28 8.97
CA ASP A 21 -6.20 -4.20 8.01
C ASP A 21 -7.40 -4.00 7.09
N GLY A 22 -7.58 -2.79 6.58
CA GLY A 22 -8.64 -2.52 5.64
C GLY A 22 -9.18 -1.13 5.90
N MET A 23 -10.44 -0.92 5.56
CA MET A 23 -11.10 0.34 5.86
C MET A 23 -11.74 0.28 7.23
N TRP A 24 -11.25 1.12 8.14
CA TRP A 24 -11.84 1.22 9.47
C TRP A 24 -12.82 2.38 9.53
N LYS A 25 -13.61 2.43 10.59
CA LYS A 25 -14.38 3.62 10.90
C LYS A 25 -13.52 4.58 11.69
N PHE A 26 -13.80 5.87 11.55
CA PHE A 26 -12.89 6.89 12.08
C PHE A 26 -13.67 8.16 12.39
N GLN A 27 -13.36 8.78 13.52
CA GLN A 27 -14.01 10.04 13.83
C GLN A 27 -13.15 10.93 14.72
N PHE A 28 -13.05 12.19 14.32
CA PHE A 28 -12.38 13.22 15.11
C PHE A 28 -13.22 13.54 16.34
N ASP A 29 -12.55 13.92 17.42
CA ASP A 29 -13.23 14.20 18.69
C ASP A 29 -12.72 15.51 19.27
N PRO A 30 -12.96 16.62 18.57
CA PRO A 30 -12.44 17.94 18.97
C PRO A 30 -12.95 18.39 20.33
N GLU A 31 -14.15 17.99 20.71
CA GLU A 31 -14.71 18.43 21.99
C GLU A 31 -14.36 17.46 23.12
N GLU A 32 -13.65 16.40 22.78
CA GLU A 32 -13.24 15.43 23.78
C GLU A 32 -14.40 14.90 24.60
N ILE A 33 -15.39 14.39 23.92
CA ILE A 33 -16.59 13.87 24.57
C ILE A 33 -16.83 12.40 24.24
N GLY A 34 -15.91 11.78 23.49
CA GLY A 34 -16.12 10.41 23.08
C GLY A 34 -16.33 9.46 24.25
N LYS A 35 -15.45 9.52 25.23
CA LYS A 35 -15.55 8.58 26.34
C LYS A 35 -16.71 8.98 27.25
N LYS A 36 -17.09 10.25 27.20
CA LYS A 36 -18.28 10.70 27.91
C LYS A 36 -19.56 10.26 27.21
N SER A 37 -19.47 9.84 25.96
CA SER A 37 -20.68 9.71 25.13
C SER A 37 -20.85 8.32 24.49
N GLY A 38 -20.13 7.35 25.03
CA GLY A 38 -20.33 5.96 24.65
C GLY A 38 -19.62 5.54 23.38
N TRP A 39 -18.66 6.33 22.92
CA TRP A 39 -17.96 6.04 21.67
C TRP A 39 -17.23 4.70 21.71
N GLU A 40 -16.89 4.24 22.92
CA GLU A 40 -16.17 2.98 23.04
C GLU A 40 -17.06 1.81 22.61
N ASN A 41 -18.35 2.06 22.48
CA ASN A 41 -19.30 1.07 21.98
C ASN A 41 -19.62 1.28 20.51
N GLY A 42 -18.94 2.22 19.88
CA GLY A 42 -19.18 2.52 18.48
C GLY A 42 -19.23 4.01 18.21
N LEU A 43 -18.63 4.42 17.09
CA LEU A 43 -18.56 5.84 16.75
C LEU A 43 -19.89 6.27 16.16
N PRO A 44 -20.37 7.46 16.55
CA PRO A 44 -21.70 7.93 16.15
C PRO A 44 -21.80 8.43 14.70
N ALA A 45 -20.72 8.97 14.15
CA ALA A 45 -20.79 9.54 12.80
C ALA A 45 -19.44 9.42 12.11
N PRO A 46 -18.97 8.19 11.90
CA PRO A 46 -17.62 7.99 11.37
C PRO A 46 -17.50 8.25 9.88
N VAL A 47 -16.26 8.44 9.44
CA VAL A 47 -15.91 8.30 8.03
C VAL A 47 -15.05 7.06 7.91
N SER A 48 -14.71 6.64 6.69
CA SER A 48 -13.81 5.52 6.51
C SER A 48 -12.35 5.94 6.52
N MET A 49 -11.49 5.11 7.07
CA MET A 49 -10.07 5.44 7.15
C MET A 49 -9.25 4.18 6.88
N PRO A 50 -8.34 4.25 5.89
CA PRO A 50 -7.45 3.09 5.63
C PRO A 50 -6.55 2.78 6.81
N VAL A 51 -6.37 1.50 7.07
CA VAL A 51 -5.39 1.02 8.04
C VAL A 51 -4.64 -0.12 7.37
N PRO A 52 -3.30 -0.05 7.34
CA PRO A 52 -2.44 0.97 7.94
C PRO A 52 -2.29 2.24 7.09
N SER A 53 -2.19 3.36 7.76
CA SER A 53 -1.96 4.65 7.16
C SER A 53 -1.89 5.77 8.18
N SER A 54 -1.20 6.86 7.85
CA SER A 54 -1.37 8.11 8.58
C SER A 54 -2.66 8.75 8.05
N PHE A 55 -3.46 9.39 8.90
CA PHE A 55 -4.72 9.92 8.40
C PHE A 55 -4.58 11.24 7.65
N ALA A 56 -3.51 11.97 7.91
CA ALA A 56 -3.46 13.39 7.58
C ALA A 56 -3.64 13.70 6.09
N ASP A 57 -2.97 12.97 5.21
CA ASP A 57 -2.89 13.45 3.83
C ASP A 57 -4.01 12.97 2.91
N PHE A 58 -5.00 12.28 3.47
CA PHE A 58 -6.17 11.92 2.68
C PHE A 58 -7.07 13.10 2.41
N PHE A 59 -7.20 13.97 3.42
CA PHE A 59 -8.22 15.02 3.40
C PHE A 59 -7.85 16.18 2.50
N THR A 60 -8.86 16.97 2.12
CA THR A 60 -8.67 18.10 1.25
C THR A 60 -8.81 19.43 1.98
N ASP A 61 -9.08 19.39 3.26
CA ASP A 61 -9.23 20.58 4.10
C ASP A 61 -8.12 20.68 5.16
N HIS A 62 -7.67 21.87 5.47
CA HIS A 62 -6.57 22.04 6.42
C HIS A 62 -6.88 21.47 7.80
N LYS A 63 -8.08 21.73 8.31
CA LYS A 63 -8.32 21.41 9.72
C LYS A 63 -8.31 19.90 9.97
N GLU A 64 -8.65 19.11 8.96
CA GLU A 64 -8.58 17.67 9.10
C GLU A 64 -7.14 17.19 8.99
N ARG A 65 -6.42 17.68 7.99
CA ARG A 65 -5.00 17.33 7.87
C ARG A 65 -4.21 17.66 9.14
N ASP A 66 -4.45 18.86 9.66
CA ASP A 66 -3.69 19.35 10.81
C ASP A 66 -4.29 19.00 12.15
N TYR A 67 -5.29 18.12 12.15
CA TYR A 67 -5.99 17.81 13.39
C TYR A 67 -5.05 17.37 14.50
N CYS A 68 -5.24 17.95 15.68
CA CYS A 68 -4.46 17.60 16.85
C CYS A 68 -5.42 17.41 18.01
N GLY A 69 -5.27 16.32 18.73
CA GLY A 69 -6.17 16.00 19.82
C GLY A 69 -6.59 14.54 19.83
N ASP A 70 -7.80 14.29 20.35
CA ASP A 70 -8.36 12.96 20.42
C ASP A 70 -9.10 12.59 19.14
N PHE A 71 -8.92 11.35 18.69
CA PHE A 71 -9.63 10.87 17.53
C PHE A 71 -9.75 9.37 17.65
N TRP A 72 -10.77 8.81 17.00
CA TRP A 72 -11.14 7.43 17.26
C TRP A 72 -11.16 6.54 16.02
N TYR A 73 -10.77 5.29 16.22
CA TYR A 73 -10.92 4.25 15.20
C TYR A 73 -11.84 3.13 15.67
N GLU A 74 -12.54 2.50 14.73
CA GLU A 74 -13.37 1.35 15.06
C GLU A 74 -13.38 0.35 13.93
N THR A 75 -13.36 -0.93 14.26
CA THR A 75 -13.69 -1.93 13.26
C THR A 75 -14.37 -3.14 13.90
N GLU A 76 -14.90 -4.01 13.05
CA GLU A 76 -15.49 -5.26 13.51
C GLU A 76 -14.75 -6.41 12.87
N PHE A 77 -14.69 -7.53 13.56
CA PHE A 77 -14.08 -8.73 13.01
C PHE A 77 -14.77 -9.97 13.54
N TYR A 78 -14.86 -10.99 12.69
CA TYR A 78 -15.40 -12.26 13.10
C TYR A 78 -14.29 -13.13 13.68
N LEU A 79 -14.51 -13.66 14.88
CA LEU A 79 -13.54 -14.50 15.56
C LEU A 79 -13.89 -15.96 15.34
N PRO A 80 -13.00 -16.75 14.79
CA PRO A 80 -13.30 -18.17 14.59
C PRO A 80 -13.60 -18.86 15.92
N ALA A 81 -14.62 -19.71 15.93
CA ALA A 81 -15.03 -20.42 17.12
C ALA A 81 -13.88 -21.24 17.71
N GLU A 82 -12.99 -21.72 16.84
CA GLU A 82 -11.87 -22.55 17.27
C GLU A 82 -10.85 -21.81 18.13
N TRP A 83 -10.96 -20.48 18.19
CA TRP A 83 -10.04 -19.70 19.03
C TRP A 83 -10.46 -19.72 20.49
N ARG A 84 -11.58 -20.37 20.77
CA ARG A 84 -12.12 -20.47 22.12
C ARG A 84 -11.05 -20.97 23.10
N ASN A 85 -10.98 -20.35 24.28
CA ASN A 85 -10.02 -20.75 25.30
C ASN A 85 -8.56 -20.76 24.83
N LYS A 86 -8.23 -19.89 23.88
CA LYS A 86 -6.83 -19.53 23.65
C LYS A 86 -6.66 -18.16 24.28
N LYS A 87 -5.43 -17.73 24.47
CA LYS A 87 -5.21 -16.37 24.86
C LYS A 87 -5.32 -15.50 23.61
N ILE A 88 -6.31 -14.63 23.60
CA ILE A 88 -6.60 -13.83 22.43
C ILE A 88 -6.17 -12.38 22.64
N TRP A 89 -5.39 -11.87 21.68
CA TRP A 89 -4.78 -10.55 21.79
C TRP A 89 -5.06 -9.72 20.56
N LEU A 90 -5.34 -8.43 20.74
CA LEU A 90 -5.21 -7.49 19.65
C LEU A 90 -3.76 -7.03 19.61
N ARG A 91 -3.18 -7.03 18.42
CA ARG A 91 -1.80 -6.56 18.29
C ARG A 91 -1.72 -5.45 17.24
N PHE A 92 -1.44 -4.24 17.71
CA PHE A 92 -1.26 -3.09 16.84
C PHE A 92 0.22 -2.92 16.58
N GLY A 93 0.61 -2.81 15.32
CA GLY A 93 2.00 -2.51 15.03
C GLY A 93 2.42 -1.26 15.79
N SER A 94 1.49 -0.31 15.86
CA SER A 94 1.69 0.89 16.64
C SER A 94 0.37 1.63 16.74
N ILE A 95 0.30 2.56 17.69
CA ILE A 95 -0.83 3.46 17.86
C ILE A 95 -0.21 4.83 18.14
N THR A 96 -0.39 5.79 17.25
CA THR A 96 0.42 7.01 17.28
C THR A 96 -0.42 8.23 17.70
N HIS A 97 -0.11 8.89 18.82
CA HIS A 97 1.04 8.62 19.70
C HIS A 97 0.72 7.81 20.94
N ARG A 98 -0.52 7.90 21.39
CA ARG A 98 -0.92 7.28 22.63
C ARG A 98 -2.38 6.93 22.46
N GLY A 99 -2.84 5.91 23.17
CA GLY A 99 -4.22 5.50 22.99
C GLY A 99 -4.73 4.52 24.01
N THR A 100 -6.04 4.32 23.95
CA THR A 100 -6.70 3.34 24.79
C THR A 100 -7.48 2.40 23.89
N VAL A 101 -7.23 1.11 24.06
CA VAL A 101 -7.91 0.06 23.30
C VAL A 101 -9.14 -0.45 24.05
N TYR A 102 -10.27 -0.47 23.34
CA TYR A 102 -11.50 -1.06 23.84
C TYR A 102 -11.88 -2.23 22.96
N CYS A 103 -12.48 -3.26 23.55
CA CYS A 103 -12.98 -4.39 22.78
C CYS A 103 -14.32 -4.80 23.36
N ASN A 104 -15.32 -4.87 22.50
CA ASN A 104 -16.69 -5.20 22.92
C ASN A 104 -17.14 -4.33 24.08
N GLY A 105 -16.80 -3.05 24.00
CA GLY A 105 -17.22 -2.04 24.96
C GLY A 105 -16.41 -1.97 26.23
N MET A 106 -15.39 -2.82 26.35
CA MET A 106 -14.59 -2.90 27.57
C MET A 106 -13.20 -2.31 27.39
N GLU A 107 -12.76 -1.51 28.34
CA GLU A 107 -11.40 -0.98 28.28
C GLU A 107 -10.41 -2.11 28.52
N ILE A 108 -9.43 -2.23 27.63
CA ILE A 108 -8.48 -3.33 27.73
C ILE A 108 -7.11 -2.86 28.20
N THR A 109 -6.55 -1.87 27.50
CA THR A 109 -5.23 -1.38 27.85
C THR A 109 -5.01 -0.01 27.26
N SER A 110 -3.95 0.67 27.71
CA SER A 110 -3.57 1.96 27.19
C SER A 110 -2.09 1.91 26.92
N HIS A 111 -1.61 2.74 26.00
CA HIS A 111 -0.20 2.76 25.67
C HIS A 111 0.25 4.16 25.30
N GLU A 112 1.46 4.47 25.72
CA GLU A 112 2.11 5.74 25.46
C GLU A 112 3.36 5.48 24.63
N GLY A 113 3.45 6.05 23.44
CA GLY A 113 4.59 5.80 22.56
C GLY A 113 4.05 5.30 21.24
N GLY A 114 4.33 6.05 20.18
CA GLY A 114 3.62 5.86 18.93
C GLY A 114 4.32 5.05 17.86
N PHE A 115 5.38 4.34 18.21
CA PHE A 115 6.23 3.70 17.20
C PHE A 115 6.62 2.27 17.57
N LEU A 116 5.87 1.68 18.50
CA LEU A 116 6.15 0.31 18.95
C LEU A 116 4.83 -0.41 19.23
N PRO A 117 4.85 -1.76 19.18
CA PRO A 117 3.63 -2.54 19.26
C PRO A 117 2.83 -2.31 20.55
N VAL A 118 1.52 -2.37 20.38
CA VAL A 118 0.59 -2.29 21.50
C VAL A 118 -0.16 -3.59 21.56
N LEU A 119 -0.08 -4.28 22.68
CA LEU A 119 -0.75 -5.55 22.88
C LEU A 119 -1.88 -5.43 23.88
N ALA A 120 -3.03 -5.92 23.51
CA ALA A 120 -4.22 -5.82 24.33
C ALA A 120 -4.85 -7.20 24.48
N ASP A 121 -4.85 -7.71 25.71
CA ASP A 121 -5.36 -9.04 25.99
C ASP A 121 -6.88 -9.00 26.08
N ILE A 122 -7.55 -9.53 25.06
CA ILE A 122 -9.00 -9.53 25.02
C ILE A 122 -9.59 -10.90 25.36
N SER A 123 -8.79 -11.76 25.98
CA SER A 123 -9.21 -13.12 26.28
C SER A 123 -10.55 -13.16 27.03
N THR A 124 -10.70 -12.27 28.02
CA THR A 124 -11.87 -12.30 28.88
C THR A 124 -13.11 -11.64 28.31
N VAL A 125 -12.97 -10.93 27.18
CA VAL A 125 -14.11 -10.24 26.59
C VAL A 125 -14.38 -10.69 25.16
N ALA A 126 -13.45 -11.47 24.61
CA ALA A 126 -13.60 -11.96 23.24
C ALA A 126 -14.78 -12.92 23.13
N LYS A 127 -15.44 -12.87 21.97
CA LYS A 127 -16.60 -13.72 21.69
C LYS A 127 -16.32 -14.62 20.49
N PRO A 128 -15.76 -15.81 20.75
CA PRO A 128 -15.45 -16.75 19.66
C PRO A 128 -16.71 -17.14 18.89
N GLY A 129 -16.59 -17.28 17.58
CA GLY A 129 -17.74 -17.64 16.75
C GLY A 129 -18.75 -16.51 16.60
N GLN A 130 -18.33 -15.29 16.92
CA GLN A 130 -19.20 -14.13 16.77
C GLN A 130 -18.47 -12.92 16.21
N VAL A 131 -19.22 -11.91 15.79
CA VAL A 131 -18.61 -10.65 15.42
C VAL A 131 -18.20 -9.91 16.69
N ASN A 132 -16.95 -9.42 16.68
CA ASN A 132 -16.41 -8.63 17.76
C ASN A 132 -16.11 -7.21 17.32
N GLN A 133 -16.00 -6.32 18.29
CA GLN A 133 -15.79 -4.92 17.99
C GLN A 133 -14.53 -4.41 18.69
N VAL A 134 -13.71 -3.66 17.95
CA VAL A 134 -12.59 -2.95 18.56
C VAL A 134 -12.75 -1.46 18.32
N VAL A 135 -12.54 -0.67 19.37
CA VAL A 135 -12.58 0.77 19.28
C VAL A 135 -11.28 1.28 19.92
N VAL A 136 -10.63 2.23 19.25
CA VAL A 136 -9.41 2.79 19.80
C VAL A 136 -9.57 4.29 19.93
N LYS A 137 -9.31 4.81 21.13
CA LYS A 137 -9.19 6.25 21.31
C LYS A 137 -7.72 6.60 21.21
N ILE A 138 -7.39 7.50 20.29
CA ILE A 138 -6.01 7.88 20.06
C ILE A 138 -5.81 9.36 20.30
N ASN A 139 -4.62 9.74 20.73
CA ASN A 139 -4.28 11.15 20.88
C ASN A 139 -2.91 11.39 20.24
N ASN A 140 -2.77 12.53 19.56
CA ASN A 140 -1.52 12.82 18.84
C ASN A 140 -0.87 14.13 19.26
N GLU A 141 -1.23 14.61 20.45
CA GLU A 141 -0.60 15.82 20.98
C GLU A 141 0.85 15.56 21.35
N LEU A 142 1.62 16.64 21.43
CA LEU A 142 3.02 16.55 21.78
C LEU A 142 3.25 17.23 23.11
N ASN A 143 4.04 16.61 23.96
CA ASN A 143 4.35 17.24 25.23
C ASN A 143 5.82 17.02 25.62
N GLU A 144 6.17 17.35 26.84
CA GLU A 144 7.54 17.24 27.29
C GLU A 144 7.73 16.09 28.29
N THR A 145 6.76 15.20 28.33
CA THR A 145 6.85 14.04 29.21
C THR A 145 6.74 12.71 28.46
N SER A 146 6.69 12.76 27.14
CA SER A 146 6.65 11.56 26.30
C SER A 146 7.42 11.84 25.01
N LEU A 147 7.80 10.77 24.29
CA LEU A 147 8.59 10.90 23.06
C LEU A 147 7.71 10.71 21.82
N PRO A 148 7.94 11.51 20.76
CA PRO A 148 8.91 12.60 20.65
C PRO A 148 8.34 13.87 21.25
N CYS A 149 9.21 14.78 21.70
CA CYS A 149 8.75 15.93 22.45
C CYS A 149 8.28 17.09 21.59
N GLY A 150 7.34 17.84 22.14
CA GLY A 150 6.91 19.08 21.54
C GLY A 150 5.89 19.75 22.43
N ALA A 151 5.13 20.66 21.83
CA ALA A 151 4.08 21.36 22.54
C ALA A 151 2.78 21.28 21.76
N THR A 152 1.70 21.68 22.42
CA THR A 152 0.40 21.76 21.78
C THR A 152 -0.11 23.19 21.94
N LYS A 153 -0.40 23.83 20.82
CA LYS A 153 -0.92 25.20 20.84
C LYS A 153 -2.44 25.20 20.70
N ILE A 154 -3.09 26.09 21.44
CA ILE A 154 -4.53 26.21 21.32
C ILE A 154 -4.86 27.52 20.63
N LEU A 155 -5.49 27.43 19.48
CA LEU A 155 -5.93 28.57 18.75
C LEU A 155 -7.30 28.82 19.34
N GLY A 158 -10.61 27.02 20.26
CA GLY A 158 -10.23 25.82 20.94
C GLY A 158 -9.57 24.78 20.07
N ARG A 159 -9.28 25.15 18.85
CA ARG A 159 -8.63 24.21 17.94
C ARG A 159 -7.17 23.99 18.32
N LYS A 160 -6.76 22.73 18.43
CA LYS A 160 -5.40 22.40 18.81
C LYS A 160 -4.50 22.27 17.60
N LEU A 161 -3.24 22.65 17.77
CA LEU A 161 -2.22 22.53 16.75
C LEU A 161 -0.95 21.97 17.37
N ALA A 162 -0.43 20.89 16.79
CA ALA A 162 0.81 20.32 17.28
C ALA A 162 2.00 21.21 16.91
N LYS A 163 2.88 21.44 17.88
CA LYS A 163 4.09 22.24 17.66
C LYS A 163 5.31 21.40 18.02
N PRO A 164 5.79 20.59 17.06
CA PRO A 164 6.90 19.68 17.33
C PRO A 164 8.20 20.38 17.68
N TYR A 165 9.01 19.73 18.51
CA TYR A 165 10.39 20.17 18.72
C TYR A 165 11.31 19.42 17.76
N PHE A 166 10.71 18.76 16.77
CA PHE A 166 11.44 17.98 15.79
C PHE A 166 10.96 18.37 14.39
N ASP A 167 11.75 18.03 13.37
CA ASP A 167 11.49 18.52 12.02
C ASP A 167 10.31 17.80 11.34
N PHE A 168 10.23 16.48 11.51
CA PHE A 168 9.32 15.67 10.71
C PHE A 168 7.85 15.92 11.05
N PHE A 169 6.98 15.76 10.05
CA PHE A 169 5.57 16.11 10.20
C PHE A 169 4.91 15.21 11.23
N ASN A 170 3.97 15.76 12.00
CA ASN A 170 3.34 14.99 13.06
C ASN A 170 2.26 14.05 12.56
N TYR A 171 2.67 13.08 11.73
CA TYR A 171 1.78 12.04 11.25
C TYR A 171 1.31 11.17 12.41
N SER A 172 0.10 10.65 12.34
CA SER A 172 -0.44 9.85 13.42
C SER A 172 -1.62 8.99 12.96
N GLY A 173 -2.15 8.19 13.88
CA GLY A 173 -3.23 7.27 13.55
C GLY A 173 -2.76 5.83 13.71
N LEU A 174 -3.34 4.93 12.93
CA LEU A 174 -2.94 3.51 12.94
C LEU A 174 -2.09 3.28 11.71
N GLN A 175 -0.78 3.50 11.87
CA GLN A 175 0.13 3.61 10.75
C GLN A 175 0.73 2.27 10.37
N ARG A 176 0.48 1.25 11.19
CA ARG A 176 0.98 -0.09 10.92
C ARG A 176 -0.13 -1.13 11.01
N SER A 177 0.15 -2.33 10.51
CA SER A 177 -0.88 -3.35 10.46
C SER A 177 -1.38 -3.71 11.86
N VAL A 178 -2.63 -4.13 11.90
CA VAL A 178 -3.27 -4.58 13.11
C VAL A 178 -3.70 -6.03 12.94
N TRP A 179 -3.41 -6.85 13.94
CA TRP A 179 -3.79 -8.26 13.95
C TRP A 179 -4.64 -8.58 15.16
N VAL A 180 -5.47 -9.60 15.03
CA VAL A 180 -5.97 -10.27 16.22
C VAL A 180 -5.36 -11.66 16.20
N ILE A 181 -4.82 -12.10 17.33
CA ILE A 181 -4.07 -13.34 17.37
C ILE A 181 -4.52 -14.22 18.52
N ALA A 182 -4.24 -15.51 18.40
CA ALA A 182 -4.58 -16.45 19.46
C ALA A 182 -3.35 -17.25 19.81
N LEU A 183 -3.05 -17.33 21.09
CA LEU A 183 -1.89 -18.05 21.57
C LEU A 183 -2.33 -19.17 22.50
N PRO A 184 -1.50 -20.21 22.64
CA PRO A 184 -1.82 -21.23 23.65
C PRO A 184 -1.72 -20.67 25.06
N GLU A 185 -2.41 -21.29 26.02
CA GLU A 185 -2.46 -20.78 27.39
C GLU A 185 -1.07 -20.72 28.03
N GLU A 186 -0.21 -21.67 27.69
CA GLU A 186 1.20 -21.56 28.07
C GLU A 186 2.02 -21.33 26.79
N SER A 187 2.71 -20.21 26.72
CA SER A 187 3.35 -19.82 25.46
C SER A 187 4.74 -19.26 25.63
N VAL A 188 5.49 -19.28 24.54
CA VAL A 188 6.74 -18.56 24.46
C VAL A 188 6.45 -17.06 24.45
N LYS A 189 6.93 -16.35 25.44
CA LYS A 189 6.70 -14.94 25.56
C LYS A 189 7.86 -14.09 25.02
N ASP A 190 9.05 -14.60 25.19
CA ASP A 190 10.24 -13.87 24.78
C ASP A 190 11.40 -14.84 24.65
N TYR A 191 12.41 -14.44 23.88
CA TYR A 191 13.65 -15.18 23.83
C TYR A 191 14.75 -14.22 23.38
N SER A 192 15.98 -14.58 23.67
CA SER A 192 17.12 -13.75 23.30
C SER A 192 18.23 -14.66 22.80
N VAL A 193 18.92 -14.21 21.75
CA VAL A 193 20.09 -14.93 21.26
C VAL A 193 21.32 -14.01 21.26
N ASP A 194 22.47 -14.63 21.49
CA ASP A 194 23.75 -13.93 21.43
C ASP A 194 24.74 -14.91 20.82
N TYR A 195 25.76 -14.39 20.15
CA TYR A 195 26.61 -15.26 19.35
C TYR A 195 28.08 -15.20 19.77
N GLU A 196 28.75 -16.34 19.67
CA GLU A 196 30.19 -16.37 19.79
C GLU A 196 30.76 -17.14 18.60
N LEU A 197 31.83 -16.62 18.02
CA LEU A 197 32.48 -17.27 16.89
C LEU A 197 33.66 -18.09 17.37
N CYS A 198 33.72 -19.36 16.95
CA CYS A 198 34.78 -20.27 17.37
C CYS A 198 35.43 -20.95 16.17
N GLY A 199 36.37 -20.27 15.54
CA GLY A 199 36.98 -20.78 14.33
C GLY A 199 35.97 -20.87 13.21
N THR A 200 35.70 -22.09 12.75
CA THR A 200 34.73 -22.30 11.69
C THR A 200 33.35 -22.60 12.27
N ASP A 201 33.27 -22.70 13.59
CA ASP A 201 32.01 -23.02 14.26
C ASP A 201 31.46 -21.79 14.98
N ALA A 202 30.24 -21.91 15.48
CA ALA A 202 29.63 -20.81 16.21
C ALA A 202 28.77 -21.33 17.35
N LEU A 203 28.69 -20.53 18.40
CA LEU A 203 27.78 -20.80 19.51
C LEU A 203 26.63 -19.82 19.46
N VAL A 204 25.42 -20.33 19.57
CA VAL A 204 24.26 -19.48 19.75
C VAL A 204 23.76 -19.63 21.19
N LYS A 205 24.07 -18.64 22.00
CA LYS A 205 23.62 -18.57 23.38
C LYS A 205 22.20 -18.06 23.43
N TYR A 206 21.34 -18.68 24.24
CA TYR A 206 19.96 -18.22 24.26
C TYR A 206 19.33 -18.28 25.64
N GLU A 207 18.31 -17.44 25.80
CA GLU A 207 17.40 -17.53 26.93
C GLU A 207 15.97 -17.53 26.39
N VAL A 208 15.09 -18.26 27.06
CA VAL A 208 13.69 -18.31 26.67
C VAL A 208 12.82 -17.99 27.87
N VAL A 209 11.81 -17.15 27.68
CA VAL A 209 10.82 -16.89 28.71
C VAL A 209 9.47 -17.40 28.25
N THR A 210 8.84 -18.23 29.06
CA THR A 210 7.51 -18.72 28.75
C THR A 210 6.54 -18.29 29.83
N THR A 211 5.26 -18.56 29.63
CA THR A 211 4.26 -18.20 30.64
C THR A 211 3.92 -19.40 31.51
N GLY A 212 4.76 -20.43 31.48
CA GLY A 212 4.54 -21.63 32.28
C GLY A 212 5.81 -22.31 32.77
N GLU A 213 5.65 -23.51 33.30
CA GLU A 213 6.77 -24.23 33.90
C GLU A 213 7.13 -25.50 33.16
N HIS A 214 6.47 -25.76 32.03
CA HIS A 214 6.78 -26.95 31.24
C HIS A 214 8.12 -26.81 30.53
N PRO A 215 8.72 -27.95 30.16
CA PRO A 215 10.05 -28.01 29.54
C PRO A 215 10.11 -27.32 28.19
N VAL A 216 11.28 -26.79 27.86
CA VAL A 216 11.50 -26.15 26.57
C VAL A 216 12.58 -26.87 25.79
N ILE A 217 12.34 -27.06 24.51
CA ILE A 217 13.35 -27.56 23.59
C ILE A 217 13.62 -26.51 22.53
N VAL A 218 14.89 -26.31 22.20
CA VAL A 218 15.27 -25.33 21.20
C VAL A 218 16.03 -26.01 20.06
N ARG A 219 15.58 -25.73 18.84
CA ARG A 219 16.25 -26.27 17.66
C ARG A 219 16.72 -25.14 16.77
N LEU A 220 17.79 -25.39 16.04
CA LEU A 220 18.24 -24.47 15.01
C LEU A 220 18.23 -25.17 13.66
N LEU A 221 17.54 -24.58 12.69
CA LEU A 221 17.49 -25.14 11.34
C LEU A 221 18.27 -24.23 10.40
N ASP A 222 18.89 -24.81 9.37
CA ASP A 222 19.57 -23.97 8.40
C ASP A 222 18.57 -23.41 7.39
N ALA A 223 19.08 -22.70 6.38
CA ALA A 223 18.23 -22.03 5.41
C ALA A 223 17.40 -23.01 4.58
N GLU A 224 17.82 -24.27 4.58
CA GLU A 224 17.11 -25.32 3.86
C GLU A 224 16.13 -26.05 4.77
N GLY A 225 16.16 -25.71 6.06
CA GLY A 225 15.27 -26.34 7.02
C GLY A 225 15.88 -27.58 7.66
N GLU A 226 17.18 -27.78 7.46
CA GLU A 226 17.86 -28.93 8.04
C GLU A 226 18.28 -28.65 9.49
N LEU A 227 18.10 -29.64 10.36
CA LEU A 227 18.45 -29.49 11.77
C LEU A 227 19.96 -29.45 11.96
N VAL A 228 20.46 -28.37 12.55
CA VAL A 228 21.91 -28.23 12.75
C VAL A 228 22.29 -28.22 14.23
N ALA A 229 21.31 -28.03 15.09
CA ALA A 229 21.56 -27.98 16.53
C ALA A 229 20.27 -28.15 17.31
N GLU A 230 20.37 -28.78 18.47
CA GLU A 230 19.23 -28.97 19.34
C GLU A 230 19.66 -29.07 20.79
N THR A 231 18.91 -28.44 21.68
CA THR A 231 19.24 -28.48 23.10
C THR A 231 17.98 -28.35 23.94
N GLU A 232 18.11 -28.60 25.23
CA GLU A 232 16.96 -28.58 26.13
C GLU A 232 17.19 -27.52 27.21
N GLY A 233 16.11 -26.85 27.62
CA GLY A 233 16.18 -25.87 28.68
C GLY A 233 15.81 -24.47 28.20
N LYS A 234 15.34 -23.65 29.14
CA LYS A 234 15.02 -22.25 28.84
C LYS A 234 16.30 -21.43 28.68
N GLU A 235 17.42 -21.98 29.14
CA GLU A 235 18.71 -21.35 28.97
C GLU A 235 19.70 -22.38 28.43
N GLY A 236 20.46 -22.01 27.42
CA GLY A 236 21.41 -22.96 26.88
C GLY A 236 22.23 -22.43 25.74
N ILE A 237 22.96 -23.34 25.11
CA ILE A 237 23.83 -23.01 24.00
C ILE A 237 23.59 -23.96 22.84
N LEU A 238 23.45 -23.39 21.65
CA LEU A 238 23.32 -24.17 20.44
C LEU A 238 24.67 -24.21 19.74
N GLN A 239 25.19 -25.41 19.52
CA GLN A 239 26.48 -25.58 18.89
C GLN A 239 26.35 -25.76 17.39
N VAL A 240 26.93 -24.85 16.62
CA VAL A 240 26.79 -24.91 15.17
C VAL A 240 28.11 -25.18 14.46
N ALA A 241 28.22 -26.35 13.85
CA ALA A 241 29.41 -26.72 13.10
C ALA A 241 29.44 -26.03 11.75
N ASN A 242 30.61 -25.49 11.40
CA ASN A 242 30.78 -24.86 10.09
C ASN A 242 29.71 -23.83 9.83
N ALA A 243 29.48 -22.97 10.81
CA ALA A 243 28.42 -21.98 10.76
C ALA A 243 28.53 -21.11 9.52
N ARG A 244 27.38 -20.84 8.90
CA ARG A 244 27.31 -19.93 7.77
C ARG A 244 26.93 -18.56 8.29
N LEU A 245 27.93 -17.70 8.47
CA LEU A 245 27.72 -16.44 9.17
C LEU A 245 26.86 -15.49 8.35
N TRP A 246 26.08 -14.67 9.05
CA TRP A 246 25.36 -13.56 8.45
C TRP A 246 26.36 -12.45 8.18
N GLU A 247 26.52 -12.05 6.91
CA GLU A 247 27.54 -11.09 6.54
C GLU A 247 26.92 -9.83 5.93
N VAL A 248 27.67 -8.73 5.99
CA VAL A 248 27.19 -7.46 5.43
C VAL A 248 26.90 -7.61 3.95
N ARG A 249 25.68 -7.24 3.57
CA ARG A 249 25.18 -7.37 2.21
C ARG A 249 25.31 -8.79 1.64
N ASN A 250 25.33 -9.77 2.54
CA ASN A 250 25.50 -11.16 2.17
C ASN A 250 24.92 -12.02 3.27
N ALA A 251 23.62 -11.89 3.46
CA ALA A 251 22.95 -12.50 4.60
C ALA A 251 22.88 -14.01 4.50
N TYR A 252 22.84 -14.64 5.66
CA TYR A 252 22.45 -16.03 5.79
C TYR A 252 21.60 -16.12 7.04
N LEU A 253 20.44 -16.74 6.92
CA LEU A 253 19.53 -16.81 8.05
C LEU A 253 19.20 -18.24 8.44
N TYR A 254 19.45 -18.55 9.70
CA TYR A 254 18.99 -19.78 10.31
C TYR A 254 17.58 -19.56 10.84
N GLN A 255 16.93 -20.64 11.23
CA GLN A 255 15.61 -20.57 11.83
C GLN A 255 15.68 -21.17 13.21
N ILE A 256 15.37 -20.36 14.23
CA ILE A 256 15.31 -20.90 15.57
C ILE A 256 13.89 -21.39 15.81
N VAL A 257 13.79 -22.54 16.46
CA VAL A 257 12.51 -23.18 16.72
C VAL A 257 12.45 -23.45 18.20
N ILE A 258 11.47 -22.85 18.88
CA ILE A 258 11.36 -22.96 20.31
C ILE A 258 10.07 -23.72 20.63
N LEU A 259 10.22 -24.87 21.27
CA LEU A 259 9.09 -25.74 21.59
C LEU A 259 8.85 -25.82 23.10
N ILE A 260 7.60 -25.71 23.51
CA ILE A 260 7.21 -26.04 24.87
C ILE A 260 6.55 -27.41 24.81
N THR A 261 6.94 -28.30 25.71
CA THR A 261 6.47 -29.69 25.60
C THR A 261 5.85 -30.21 26.89
N ASP A 262 4.91 -31.14 26.76
CA ASP A 262 4.25 -31.72 27.92
C ASP A 262 4.22 -33.25 27.83
N GLY A 263 5.37 -33.88 28.05
CA GLY A 263 5.47 -35.32 27.99
C GLY A 263 5.81 -35.82 26.60
N ASN A 264 4.78 -35.98 25.77
CA ASN A 264 4.97 -36.45 24.40
C ASN A 264 4.25 -35.57 23.39
N GLY A 265 3.80 -34.40 23.83
CA GLY A 265 3.10 -33.47 22.98
C GLY A 265 3.68 -32.07 23.07
N VAL A 266 3.44 -31.27 22.03
CA VAL A 266 3.91 -29.89 22.02
C VAL A 266 2.78 -28.96 22.46
N LEU A 267 3.10 -27.99 23.32
CA LEU A 267 2.12 -27.02 23.80
C LEU A 267 2.17 -25.73 22.98
N ASP A 268 3.36 -25.39 22.52
CA ASP A 268 3.58 -24.16 21.77
C ASP A 268 4.83 -24.32 20.92
N GLU A 269 4.90 -23.55 19.83
CA GLU A 269 6.08 -23.57 18.96
C GLU A 269 6.30 -22.22 18.28
N TYR A 270 7.39 -21.54 18.63
CA TYR A 270 7.69 -20.26 18.02
C TYR A 270 8.90 -20.41 17.12
N ARG A 271 8.87 -19.80 15.96
CA ARG A 271 9.97 -19.83 15.02
C ARG A 271 10.26 -18.45 14.54
N GLU A 272 11.52 -18.17 14.30
CA GLU A 272 11.94 -16.88 13.78
C GLU A 272 13.28 -17.02 13.09
N LYS A 273 13.48 -16.31 12.00
CA LYS A 273 14.76 -16.31 11.32
C LYS A 273 15.77 -15.43 12.07
N ILE A 274 16.96 -15.95 12.30
CA ILE A 274 18.02 -15.18 12.94
C ILE A 274 19.32 -15.33 12.14
N GLY A 275 20.28 -14.48 12.43
CA GLY A 275 21.54 -14.51 11.69
C GLY A 275 22.73 -14.55 12.62
N ILE A 276 23.62 -15.50 12.40
CA ILE A 276 24.78 -15.65 13.28
C ILE A 276 25.83 -14.62 12.91
N ARG A 277 25.99 -13.62 13.78
CA ARG A 277 26.94 -12.55 13.53
C ARG A 277 27.33 -11.91 14.84
N THR A 278 28.54 -11.36 14.90
CA THR A 278 28.94 -10.58 16.07
C THR A 278 29.26 -9.15 15.68
N VAL A 279 29.00 -8.25 16.59
CA VAL A 279 29.40 -6.88 16.43
C VAL A 279 30.10 -6.39 17.69
N ARG A 280 31.22 -5.73 17.51
CA ARG A 280 31.86 -5.11 18.66
C ARG A 280 32.71 -3.93 18.26
N ILE A 281 32.89 -3.02 19.20
CA ILE A 281 33.75 -1.88 18.98
C ILE A 281 35.12 -2.23 19.52
N GLU A 282 36.14 -2.15 18.67
CA GLU A 282 37.51 -2.39 19.10
C GLU A 282 38.38 -1.23 18.69
N GLY A 283 38.83 -0.45 19.67
CA GLY A 283 39.57 0.77 19.37
C GLY A 283 38.67 1.67 18.54
N THR A 284 39.19 2.16 17.43
CA THR A 284 38.40 3.06 16.58
C THR A 284 37.68 2.29 15.48
N LYS A 285 37.63 0.96 15.62
CA LYS A 285 37.03 0.16 14.57
C LYS A 285 35.69 -0.43 14.97
N ILE A 286 34.81 -0.55 13.99
CA ILE A 286 33.58 -1.30 14.15
C ILE A 286 33.78 -2.67 13.51
N LEU A 287 33.74 -3.72 14.32
CA LEU A 287 33.98 -5.06 13.82
C LEU A 287 32.69 -5.85 13.63
N LEU A 288 32.49 -6.37 12.43
CA LEU A 288 31.41 -7.30 12.18
C LEU A 288 32.02 -8.65 11.87
N ASN A 289 31.70 -9.64 12.69
CA ASN A 289 32.33 -10.96 12.58
C ASN A 289 33.84 -10.82 12.59
N ASP A 290 34.35 -9.99 13.48
CA ASP A 290 35.79 -9.85 13.68
C ASP A 290 36.52 -9.03 12.62
N ARG A 291 35.79 -8.49 11.64
CA ARG A 291 36.44 -7.68 10.61
C ARG A 291 35.87 -6.26 10.54
N PRO A 292 36.73 -5.30 10.35
CA PRO A 292 36.26 -3.91 10.33
C PRO A 292 35.26 -3.66 9.22
N VAL A 293 34.22 -2.88 9.53
CA VAL A 293 33.29 -2.46 8.51
C VAL A 293 33.15 -0.94 8.61
N TYR A 294 33.05 -0.29 7.45
CA TYR A 294 32.84 1.15 7.42
C TYR A 294 31.38 1.36 7.03
N LEU A 295 30.63 2.05 7.87
CA LEU A 295 29.19 2.20 7.63
C LEU A 295 28.95 3.18 6.49
N LYS A 296 28.10 2.79 5.55
CA LYS A 296 27.79 3.60 4.39
C LYS A 296 26.28 3.61 4.20
N GLY A 297 25.64 4.78 4.26
CA GLY A 297 24.21 4.75 4.08
C GLY A 297 23.54 6.05 4.44
N PHE A 298 22.38 5.94 5.06
CA PHE A 298 21.48 7.06 5.25
C PHE A 298 20.72 6.96 6.54
N GLY A 299 20.31 8.11 7.06
CA GLY A 299 19.14 8.17 7.91
C GLY A 299 17.94 8.13 6.96
N LYS A 300 16.89 7.42 7.37
CA LYS A 300 15.68 7.36 6.57
C LYS A 300 14.52 8.01 7.33
N HIS A 301 13.32 7.71 6.88
CA HIS A 301 12.08 8.02 7.60
C HIS A 301 11.08 7.00 7.15
N GLU A 302 10.00 6.84 7.91
CA GLU A 302 8.85 6.15 7.36
C GLU A 302 7.98 7.24 6.77
N ASP A 303 8.05 7.39 5.46
CA ASP A 303 7.48 8.55 4.83
C ASP A 303 7.30 8.27 3.36
N PHE A 304 6.09 8.48 2.86
CA PHE A 304 5.77 8.22 1.46
C PHE A 304 4.53 9.04 1.09
N PRO A 305 4.41 9.45 -0.18
CA PRO A 305 3.25 10.25 -0.59
C PRO A 305 1.92 9.59 -0.21
N ILE A 306 1.03 10.42 0.33
CA ILE A 306 -0.33 10.04 0.74
C ILE A 306 -0.41 9.13 1.96
N LEU A 307 0.33 8.02 1.96
CA LEU A 307 0.29 7.08 3.09
C LEU A 307 0.92 7.65 4.37
N GLY A 308 1.79 8.65 4.23
CA GLY A 308 2.46 9.22 5.37
C GLY A 308 3.48 8.22 5.91
N ARG A 309 3.33 7.84 7.17
CA ARG A 309 4.20 6.81 7.73
C ARG A 309 3.59 5.42 7.60
N GLY A 310 2.48 5.33 6.86
CA GLY A 310 1.80 4.06 6.68
C GLY A 310 2.73 3.01 6.09
N PHE A 311 2.76 1.83 6.69
CA PHE A 311 3.64 0.78 6.20
C PHE A 311 3.14 0.17 4.90
N HIS A 312 4.07 -0.06 3.97
CA HIS A 312 3.76 -0.87 2.82
C HIS A 312 5.02 -1.57 2.31
N TRP A 313 4.91 -2.86 2.03
CA TRP A 313 6.05 -3.62 1.54
C TRP A 313 6.64 -3.04 0.26
N GLY A 314 5.82 -2.37 -0.53
CA GLY A 314 6.31 -1.79 -1.77
C GLY A 314 7.34 -0.68 -1.51
N ILE A 315 7.13 0.08 -0.44
CA ILE A 315 8.08 1.11 -0.08
C ILE A 315 9.39 0.48 0.38
N VAL A 316 9.29 -0.57 1.18
CA VAL A 316 10.47 -1.34 1.61
C VAL A 316 11.25 -1.83 0.39
N LYS A 317 10.56 -2.45 -0.56
CA LYS A 317 11.24 -3.01 -1.73
C LYS A 317 11.94 -1.94 -2.55
N ARG A 318 11.24 -0.87 -2.90
CA ARG A 318 11.89 0.18 -3.69
C ARG A 318 13.07 0.76 -2.93
N ASP A 319 12.87 1.03 -1.65
CA ASP A 319 13.94 1.69 -0.88
C ASP A 319 15.19 0.82 -0.81
N PHE A 320 15.02 -0.49 -0.60
CA PHE A 320 16.17 -1.38 -0.56
C PHE A 320 16.85 -1.50 -1.92
N GLU A 321 16.08 -1.52 -3.01
CA GLU A 321 16.72 -1.54 -4.32
C GLU A 321 17.53 -0.26 -4.54
N CYS A 322 17.00 0.88 -4.08
CA CYS A 322 17.74 2.13 -4.19
C CYS A 322 18.99 2.10 -3.33
N LEU A 323 18.84 1.61 -2.11
CA LEU A 323 19.96 1.47 -1.20
C LEU A 323 21.06 0.61 -1.79
N LYS A 324 20.69 -0.55 -2.33
CA LYS A 324 21.71 -1.42 -2.92
C LYS A 324 22.37 -0.77 -4.13
N TRP A 325 21.61 0.02 -4.88
CA TRP A 325 22.14 0.65 -6.08
C TRP A 325 23.19 1.69 -5.69
N THR A 326 23.03 2.31 -4.52
CA THR A 326 24.04 3.28 -4.05
C THR A 326 25.26 2.59 -3.41
N ASN A 327 25.17 1.28 -3.25
CA ASN A 327 26.21 0.47 -2.58
C ASN A 327 26.28 0.74 -1.07
N ALA A 328 25.17 1.19 -0.51
CA ALA A 328 25.04 1.34 0.93
C ALA A 328 25.10 -0.01 1.64
N ASN A 329 25.39 0.02 2.94
CA ASN A 329 25.29 -1.18 3.76
C ASN A 329 24.56 -0.95 5.08
N CYS A 330 24.03 0.25 5.28
CA CYS A 330 23.53 0.59 6.60
C CYS A 330 22.50 1.70 6.56
N PHE A 331 21.51 1.64 7.44
CA PHE A 331 20.72 2.83 7.70
C PHE A 331 20.37 2.99 9.18
N ARG A 332 20.14 4.23 9.59
CA ARG A 332 19.63 4.52 10.92
C ARG A 332 18.12 4.70 10.85
N THR A 333 17.40 4.18 11.84
CA THR A 333 15.94 4.34 11.85
C THR A 333 15.60 5.69 12.50
N SER A 334 16.10 6.75 11.90
CA SER A 334 15.75 8.10 12.33
C SER A 334 14.25 8.35 12.10
N HIS A 335 13.52 8.90 13.07
CA HIS A 335 13.95 9.11 14.45
C HIS A 335 13.02 8.35 15.39
N TYR A 336 12.82 7.06 15.12
CA TYR A 336 11.85 6.25 15.87
C TYR A 336 12.00 4.83 15.34
N PRO A 337 11.65 3.82 16.15
CA PRO A 337 11.66 2.47 15.61
C PRO A 337 10.69 2.37 14.43
N TYR A 338 11.11 1.66 13.39
CA TYR A 338 10.27 1.48 12.22
C TYR A 338 9.36 0.27 12.38
N ALA A 339 8.44 0.09 11.44
CA ALA A 339 7.66 -1.16 11.39
C ALA A 339 8.61 -2.35 11.39
N GLU A 340 8.22 -3.43 12.06
CA GLU A 340 9.09 -4.60 12.23
C GLU A 340 9.54 -5.16 10.90
N GLU A 341 8.67 -5.04 9.91
CA GLU A 341 8.96 -5.55 8.58
C GLU A 341 10.23 -4.97 7.96
N TRP A 342 10.59 -3.73 8.31
CA TRP A 342 11.83 -3.13 7.78
C TRP A 342 13.06 -3.92 8.23
N TYR A 343 13.04 -4.37 9.48
CA TYR A 343 14.15 -5.11 10.06
C TYR A 343 14.23 -6.52 9.50
N GLN A 344 13.06 -7.15 9.36
CA GLN A 344 13.00 -8.46 8.72
C GLN A 344 13.66 -8.41 7.35
N PHE A 345 13.39 -7.35 6.60
CA PHE A 345 13.93 -7.26 5.26
C PHE A 345 15.42 -6.93 5.31
N ALA A 346 15.83 -6.09 6.25
CA ALA A 346 17.26 -5.79 6.40
C ALA A 346 18.03 -7.07 6.72
N ASP A 347 17.40 -7.95 7.49
CA ASP A 347 17.97 -9.26 7.80
C ASP A 347 18.22 -10.05 6.53
N GLU A 348 17.19 -10.04 5.66
CA GLU A 348 17.28 -10.73 4.39
C GLU A 348 18.36 -10.20 3.47
N GLU A 349 18.50 -8.89 3.43
CA GLU A 349 19.37 -8.20 2.46
C GLU A 349 20.77 -7.92 3.01
N GLY A 350 20.98 -8.26 4.28
CA GLY A 350 22.29 -8.07 4.88
C GLY A 350 22.61 -6.63 5.17
N PHE A 351 21.60 -5.84 5.47
CA PHE A 351 21.86 -4.45 5.84
C PHE A 351 22.04 -4.30 7.34
N LEU A 352 22.88 -3.34 7.71
CA LEU A 352 23.14 -3.02 9.11
C LEU A 352 22.21 -1.89 9.53
N ILE A 353 21.65 -2.00 10.73
CA ILE A 353 20.73 -0.99 11.24
C ILE A 353 21.18 -0.42 12.57
N ILE A 354 21.11 0.89 12.68
CA ILE A 354 21.20 1.57 13.96
C ILE A 354 19.76 1.88 14.36
N ASP A 355 19.29 1.23 15.41
CA ASP A 355 17.90 1.26 15.83
C ASP A 355 17.69 2.39 16.83
N GLU A 356 16.85 3.34 16.49
CA GLU A 356 16.75 4.60 17.24
C GLU A 356 15.41 4.77 17.94
N VAL A 357 15.48 5.04 19.25
CA VAL A 357 14.30 5.36 20.04
C VAL A 357 13.91 6.83 19.74
N PRO A 358 12.61 7.19 19.89
CA PRO A 358 12.17 8.53 19.45
C PRO A 358 12.55 9.66 20.39
N ALA A 359 13.75 9.60 20.94
CA ALA A 359 14.22 10.62 21.86
C ALA A 359 14.74 11.83 21.10
N VAL A 360 13.82 12.53 20.44
CA VAL A 360 14.11 13.74 19.68
C VAL A 360 13.30 14.88 20.26
N GLY A 361 13.82 16.08 20.15
CA GLY A 361 13.11 17.26 20.62
C GLY A 361 13.43 17.57 22.05
N MET A 362 14.58 17.11 22.51
CA MET A 362 15.04 17.41 23.83
C MET A 362 15.98 18.59 23.81
N ALA A 383 12.75 22.37 34.04
CA ALA A 383 11.44 21.80 34.31
C ALA A 383 11.55 20.49 35.08
N LEU A 384 10.53 20.19 35.87
CA LEU A 384 10.52 18.96 36.67
C LEU A 384 9.97 17.79 35.87
N THR A 385 9.21 18.10 34.81
CA THR A 385 8.62 17.08 33.96
C THR A 385 9.63 16.01 33.57
N VAL A 386 10.91 16.28 33.80
CA VAL A 386 11.98 15.43 33.31
C VAL A 386 11.97 14.02 33.90
N PRO A 387 11.64 13.90 35.20
CA PRO A 387 11.52 12.54 35.74
C PRO A 387 10.48 11.69 35.01
N GLU A 388 9.36 12.30 34.60
CA GLU A 388 8.33 11.58 33.87
C GLU A 388 8.80 11.29 32.44
N LEU A 389 9.53 12.23 31.85
CA LEU A 389 10.08 12.04 30.51
C LEU A 389 11.05 10.87 30.50
N LEU A 390 11.87 10.81 31.55
CA LEU A 390 12.85 9.74 31.68
C LEU A 390 12.18 8.38 31.75
N LYS A 391 11.08 8.30 32.49
CA LYS A 391 10.33 7.06 32.55
C LYS A 391 9.80 6.66 31.17
N SER A 392 9.28 7.64 30.43
CA SER A 392 8.75 7.34 29.09
C SER A 392 9.86 6.89 28.15
N HIS A 393 11.00 7.57 28.26
CA HIS A 393 12.17 7.32 27.43
C HIS A 393 12.70 5.91 27.74
N ILE A 394 12.75 5.55 29.01
CA ILE A 394 13.23 4.21 29.38
C ILE A 394 12.24 3.13 28.91
N ALA A 395 10.95 3.40 29.07
CA ALA A 395 9.92 2.47 28.62
C ALA A 395 10.03 2.20 27.12
N ASP A 396 10.17 3.25 26.32
CA ASP A 396 10.33 3.10 24.87
C ASP A 396 11.61 2.32 24.55
N THR A 397 12.66 2.57 25.30
CA THR A 397 13.93 1.87 25.08
C THR A 397 13.76 0.37 25.36
N GLU A 398 13.14 0.04 26.48
CA GLU A 398 12.84 -1.35 26.82
C GLU A 398 12.04 -2.04 25.73
N GLU A 399 11.01 -1.36 25.24
CA GLU A 399 10.14 -1.96 24.25
C GLU A 399 10.89 -2.15 22.93
N MET A 400 11.64 -1.15 22.50
CA MET A 400 12.41 -1.23 21.26
C MET A 400 13.39 -2.39 21.31
N ILE A 401 14.13 -2.49 22.41
CA ILE A 401 15.19 -3.48 22.48
C ILE A 401 14.58 -4.87 22.59
N THR A 402 13.52 -5.02 23.38
CA THR A 402 12.89 -6.31 23.49
C THR A 402 12.29 -6.71 22.13
N ARG A 403 11.75 -5.75 21.40
CA ARG A 403 11.19 -6.07 20.09
C ARG A 403 12.25 -6.46 19.07
N ASP A 404 13.39 -5.77 19.09
CA ASP A 404 14.31 -5.82 17.94
C ASP A 404 15.63 -6.56 18.13
N LYS A 405 15.91 -6.99 19.36
CA LYS A 405 17.22 -7.55 19.71
C LYS A 405 17.65 -8.77 18.88
N ASN A 406 16.71 -9.56 18.40
CA ASN A 406 17.07 -10.80 17.72
C ASN A 406 17.24 -10.65 16.21
N HIS A 407 17.09 -9.42 15.71
CA HIS A 407 17.43 -9.15 14.31
C HIS A 407 18.95 -9.09 14.14
N PRO A 408 19.51 -9.93 13.24
CA PRO A 408 20.95 -9.76 12.97
C PRO A 408 21.27 -8.37 12.41
N SER A 409 20.36 -7.75 11.67
CA SER A 409 20.63 -6.43 11.11
C SER A 409 20.91 -5.38 12.18
N VAL A 410 20.31 -5.53 13.36
CA VAL A 410 20.40 -4.47 14.37
C VAL A 410 21.73 -4.62 15.10
N ILE A 411 22.65 -3.69 14.83
CA ILE A 411 23.98 -3.79 15.39
C ILE A 411 24.29 -2.69 16.39
N ALA A 412 23.35 -1.76 16.57
CA ALA A 412 23.55 -0.67 17.52
C ALA A 412 22.22 -0.04 17.88
N TRP A 413 22.16 0.52 19.09
CA TRP A 413 21.03 1.28 19.58
C TRP A 413 21.38 2.75 19.64
N SER A 414 20.56 3.60 19.04
CA SER A 414 20.71 5.03 19.19
C SER A 414 19.68 5.50 20.21
N LEU A 415 20.15 6.06 21.31
CA LEU A 415 19.26 6.32 22.44
C LEU A 415 18.87 7.78 22.54
N PHE A 416 19.38 8.58 21.62
CA PHE A 416 18.94 9.97 21.51
C PHE A 416 19.33 10.61 20.18
N ASN A 417 18.63 11.69 19.82
CA ASN A 417 19.01 12.48 18.67
C ASN A 417 18.99 13.96 19.04
N GLU A 418 20.17 14.54 19.13
CA GLU A 418 20.36 15.97 19.39
C GLU A 418 19.70 16.48 20.67
N PRO A 419 19.97 15.81 21.80
CA PRO A 419 19.54 16.33 23.09
C PRO A 419 20.57 17.33 23.65
N GLU A 420 20.24 18.01 24.74
CA GLU A 420 21.26 18.73 25.48
C GLU A 420 22.13 17.70 26.20
N THR A 421 23.43 17.91 26.21
CA THR A 421 24.36 16.93 26.78
C THR A 421 25.47 17.56 27.61
N ILE A 422 25.40 18.88 27.79
CA ILE A 422 26.54 19.61 28.35
C ILE A 422 26.38 19.95 29.83
N THR A 423 25.35 19.41 30.47
CA THR A 423 25.19 19.61 31.91
C THR A 423 25.29 18.27 32.63
N ASP A 424 25.69 18.29 33.91
CA ASP A 424 25.75 17.09 34.72
C ASP A 424 24.35 16.54 34.89
N TYR A 425 23.38 17.40 34.75
CA TYR A 425 21.96 17.04 34.77
C TYR A 425 21.62 16.14 33.60
N ALA A 426 22.05 16.55 32.44
CA ALA A 426 21.83 15.69 31.28
C ALA A 426 22.56 14.37 31.45
N TYR A 427 23.75 14.41 32.05
CA TYR A 427 24.54 13.21 32.24
C TYR A 427 23.82 12.17 33.09
N GLU A 428 23.24 12.61 34.22
CA GLU A 428 22.56 11.70 35.12
C GLU A 428 21.33 11.08 34.46
N TYR A 429 20.65 11.87 33.63
CA TYR A 429 19.50 11.39 32.88
C TYR A 429 19.90 10.25 31.94
N PHE A 430 20.95 10.48 31.15
CA PHE A 430 21.30 9.50 30.14
C PHE A 430 22.01 8.29 30.74
N LYS A 431 22.66 8.48 31.87
CA LYS A 431 23.22 7.36 32.60
C LYS A 431 22.13 6.33 32.91
N GLU A 432 20.95 6.81 33.31
CA GLU A 432 19.83 5.90 33.59
C GLU A 432 19.30 5.22 32.33
N VAL A 433 19.18 5.98 31.24
CA VAL A 433 18.73 5.40 29.97
C VAL A 433 19.68 4.31 29.49
N PHE A 434 20.97 4.62 29.49
CA PHE A 434 21.96 3.67 29.01
C PHE A 434 22.00 2.44 29.91
N ALA A 435 21.83 2.65 31.22
CA ALA A 435 21.83 1.54 32.15
C ALA A 435 20.66 0.60 31.89
N ALA A 436 19.50 1.19 31.61
CA ALA A 436 18.31 0.40 31.30
C ALA A 436 18.51 -0.37 30.01
N ALA A 437 19.04 0.30 28.99
CA ALA A 437 19.27 -0.34 27.70
C ALA A 437 20.19 -1.55 27.85
N GLU A 438 21.20 -1.38 28.70
CA GLU A 438 22.18 -2.44 28.95
C GLU A 438 21.53 -3.67 29.59
N THR A 439 20.53 -3.46 30.44
CA THR A 439 19.91 -4.59 31.11
C THR A 439 18.95 -5.31 30.16
N TYR A 440 18.42 -4.59 29.20
CA TYR A 440 17.49 -5.18 28.26
C TYR A 440 18.11 -5.91 27.06
N ASP A 441 19.34 -5.54 26.73
CA ASP A 441 19.97 -6.15 25.57
C ASP A 441 20.86 -7.33 25.96
N PHE A 442 20.33 -8.52 25.74
CA PHE A 442 21.05 -9.77 25.94
C PHE A 442 22.44 -9.78 25.28
N GLN A 443 22.58 -9.07 24.16
CA GLN A 443 23.84 -9.06 23.42
C GLN A 443 24.81 -7.98 23.87
N SER A 444 24.32 -7.03 24.64
CA SER A 444 25.10 -5.87 25.02
C SER A 444 25.79 -5.25 23.82
N ARG A 445 25.06 -5.07 22.73
CA ARG A 445 25.66 -4.54 21.51
C ARG A 445 25.83 -3.01 21.64
N PRO A 446 26.58 -2.40 20.74
CA PRO A 446 26.98 -0.99 20.92
C PRO A 446 25.80 -0.04 21.08
N MET A 447 25.96 0.92 21.98
CA MET A 447 24.98 1.95 22.23
C MET A 447 25.57 3.30 21.94
N THR A 448 24.75 4.16 21.38
CA THR A 448 25.25 5.45 20.95
C THR A 448 24.10 6.44 20.98
N GLY A 449 24.34 7.62 20.45
CA GLY A 449 23.33 8.65 20.31
C GLY A 449 23.89 9.67 19.36
N ALA A 450 23.02 10.41 18.69
CA ALA A 450 23.44 11.39 17.69
C ALA A 450 23.56 12.76 18.33
N PHE A 451 24.75 13.34 18.25
CA PHE A 451 25.04 14.61 18.90
C PHE A 451 24.89 15.77 17.96
N GLU A 452 24.17 16.80 18.40
CA GLU A 452 24.09 18.07 17.68
C GLU A 452 25.36 18.86 17.93
N LYS A 453 25.58 19.86 17.10
CA LYS A 453 26.83 20.59 17.15
C LYS A 453 27.05 21.30 18.47
N ASN A 454 26.00 21.66 19.15
CA ASN A 454 26.10 22.36 20.42
C ASN A 454 26.77 21.51 21.50
N SER A 455 26.75 20.20 21.30
CA SER A 455 27.50 19.29 22.17
C SER A 455 28.99 19.39 21.86
N LYS A 456 29.58 20.55 22.14
CA LYS A 456 30.99 20.78 21.85
C LYS A 456 31.87 19.80 22.62
N PRO A 457 33.00 19.39 22.01
CA PRO A 457 33.89 18.41 22.65
C PRO A 457 34.38 18.85 24.03
N GLU A 458 34.51 20.16 24.25
CA GLU A 458 34.98 20.65 25.54
C GLU A 458 33.87 20.69 26.59
N LEU A 459 32.62 20.61 26.15
CA LEU A 459 31.48 20.79 27.05
C LEU A 459 30.67 19.51 27.29
N CYS A 460 30.57 18.66 26.26
CA CYS A 460 29.72 17.48 26.31
C CYS A 460 30.09 16.55 27.46
N LYS A 461 29.10 16.12 28.23
CA LYS A 461 29.31 15.17 29.34
C LYS A 461 28.87 13.75 29.05
N CYS A 462 28.24 13.55 27.90
CA CYS A 462 27.53 12.31 27.64
C CYS A 462 28.24 11.35 26.69
N TYR A 463 29.17 11.87 25.88
CA TYR A 463 29.86 11.00 24.93
C TYR A 463 30.60 9.83 25.60
N PRO A 464 31.04 9.98 26.86
CA PRO A 464 31.66 8.81 27.51
C PRO A 464 30.69 7.64 27.71
N LEU A 465 29.39 7.89 27.69
CA LEU A 465 28.41 6.82 27.83
C LEU A 465 28.35 5.93 26.60
N CYS A 466 28.87 6.44 25.48
CA CYS A 466 28.68 5.78 24.18
C CYS A 466 29.78 4.80 23.81
N ASP A 467 29.39 3.68 23.20
CA ASP A 467 30.37 2.74 22.66
C ASP A 467 31.06 3.31 21.42
N PHE A 468 30.33 4.07 20.62
CA PHE A 468 30.93 4.86 19.56
C PHE A 468 30.13 6.15 19.47
N ILE A 469 30.73 7.16 18.84
CA ILE A 469 30.11 8.48 18.80
C ILE A 469 29.50 8.79 17.44
N CYS A 470 28.26 9.27 17.46
CA CYS A 470 27.56 9.73 16.24
C CYS A 470 27.42 11.24 16.23
N LEU A 471 27.88 11.86 15.15
CA LEU A 471 27.81 13.33 15.02
C LEU A 471 26.86 13.74 13.90
N ASN A 472 25.97 14.67 14.19
CA ASN A 472 25.18 15.34 13.15
C ASN A 472 25.86 16.67 12.87
N ARG A 473 26.32 16.88 11.64
CA ARG A 473 27.03 18.12 11.33
C ARG A 473 26.61 18.68 9.98
N TYR A 474 26.43 19.99 9.94
CA TYR A 474 26.02 20.65 8.71
C TYR A 474 26.97 21.80 8.36
N TYR A 475 28.27 21.52 8.46
CA TYR A 475 29.29 22.43 7.95
C TYR A 475 29.14 22.55 6.44
N GLY A 476 28.76 23.74 5.97
CA GLY A 476 28.48 23.90 4.55
C GLY A 476 26.99 24.03 4.27
N TRP A 477 26.17 23.87 5.30
CA TRP A 477 24.75 24.17 5.13
C TRP A 477 24.31 25.19 6.18
N TYR A 478 24.10 24.74 7.42
CA TYR A 478 23.71 25.70 8.47
C TYR A 478 24.89 26.56 8.91
N ILE A 479 26.10 26.06 8.70
CA ILE A 479 27.31 26.79 9.06
C ILE A 479 28.14 27.08 7.83
N SER A 480 28.30 28.37 7.53
CA SER A 480 29.20 28.81 6.47
C SER A 480 28.87 28.13 5.14
N GLY A 481 27.60 28.17 4.75
CA GLY A 481 27.20 27.57 3.49
C GLY A 481 27.54 28.46 2.30
N GLY A 482 27.49 27.88 1.11
CA GLY A 482 27.56 28.66 -0.11
C GLY A 482 28.92 29.30 -0.36
N PRO A 483 28.95 30.63 -0.47
CA PRO A 483 30.23 31.31 -0.75
C PRO A 483 31.24 31.10 0.36
N GLU A 484 30.76 30.72 1.55
CA GLU A 484 31.65 30.49 2.70
C GLU A 484 32.03 29.02 2.89
N ILE A 485 31.79 28.20 1.88
CA ILE A 485 32.01 26.75 2.04
C ILE A 485 33.47 26.40 2.33
N GLU A 486 34.42 27.22 1.89
CA GLU A 486 35.83 26.97 2.21
C GLU A 486 36.07 27.21 3.70
N GLU A 487 35.44 28.26 4.22
CA GLU A 487 35.46 28.50 5.66
C GLU A 487 34.81 27.35 6.41
N ALA A 488 33.72 26.81 5.84
CA ALA A 488 33.02 25.69 6.46
C ALA A 488 33.95 24.50 6.67
N GLU A 489 34.76 24.21 5.65
CA GLU A 489 35.66 23.09 5.70
C GLU A 489 36.71 23.28 6.78
N GLU A 490 37.18 24.51 6.94
CA GLU A 490 38.17 24.76 8.00
C GLU A 490 37.55 24.62 9.35
N LEU A 491 36.37 25.15 9.51
CA LEU A 491 35.68 25.00 10.79
C LEU A 491 35.47 23.53 11.15
N PHE A 492 35.10 22.74 10.14
CA PHE A 492 34.87 21.30 10.32
C PHE A 492 36.16 20.63 10.80
N ARG A 493 37.24 20.88 10.08
CA ARG A 493 38.55 20.32 10.41
C ARG A 493 38.99 20.76 11.81
N ASP A 494 38.67 22.00 12.17
CA ASP A 494 39.00 22.51 13.49
C ASP A 494 38.30 21.70 14.58
N GLU A 495 37.02 21.38 14.39
CA GLU A 495 36.30 20.61 15.40
C GLU A 495 36.84 19.19 15.45
N MET A 496 37.06 18.60 14.28
CA MET A 496 37.52 17.22 14.24
C MET A 496 38.94 17.12 14.81
N ASP A 497 39.74 18.16 14.60
CA ASP A 497 41.06 18.23 15.25
C ASP A 497 40.91 18.24 16.77
N ARG A 498 39.91 18.94 17.28
CA ARG A 498 39.64 18.95 18.71
C ARG A 498 39.23 17.57 19.21
N TRP A 499 38.39 16.87 18.45
CA TRP A 499 38.01 15.51 18.82
C TRP A 499 39.23 14.60 18.80
N LYS A 500 40.09 14.80 17.81
CA LYS A 500 41.27 13.96 17.62
C LYS A 500 42.22 14.11 18.80
N ALA A 501 42.31 15.33 19.31
CA ALA A 501 43.22 15.65 20.40
C ALA A 501 42.80 14.99 21.71
N LYS A 502 41.51 14.67 21.81
CA LYS A 502 40.99 14.01 23.01
C LYS A 502 41.48 12.56 23.08
N GLU A 503 41.91 12.03 21.94
CA GLU A 503 42.38 10.64 21.85
C GLU A 503 41.43 9.68 22.57
N LEU A 504 40.15 9.75 22.23
CA LEU A 504 39.13 8.95 22.90
C LEU A 504 39.24 7.47 22.54
N ASN A 505 39.92 7.16 21.45
CA ASN A 505 40.06 5.80 20.98
C ASN A 505 38.70 5.12 20.75
N VAL A 506 37.76 5.86 20.15
CA VAL A 506 36.47 5.27 19.77
C VAL A 506 36.14 5.65 18.33
N PRO A 507 35.28 4.86 17.68
CA PRO A 507 34.90 5.22 16.32
C PRO A 507 33.95 6.40 16.33
N PHE A 508 33.99 7.20 15.26
CA PHE A 508 33.05 8.27 15.00
C PHE A 508 32.28 7.93 13.74
N VAL A 509 30.97 8.12 13.78
CA VAL A 509 30.13 7.95 12.61
C VAL A 509 29.36 9.25 12.41
N PHE A 510 29.34 9.77 11.18
CA PHE A 510 28.49 10.92 10.91
C PHE A 510 27.10 10.42 10.57
N THR A 511 26.12 10.81 11.37
CA THR A 511 24.77 10.29 11.21
C THR A 511 23.85 11.32 10.55
N GLU A 512 24.35 12.54 10.39
CA GLU A 512 23.65 13.53 9.56
C GLU A 512 24.66 14.47 8.92
N PHE A 513 24.39 14.77 7.65
CA PHE A 513 25.08 15.80 6.90
C PHE A 513 24.31 15.84 5.58
N GLY A 514 24.11 17.04 5.02
CA GLY A 514 23.36 17.15 3.79
C GLY A 514 22.99 18.59 3.53
N THR A 515 22.34 18.81 2.39
CA THR A 515 21.92 20.14 1.98
C THR A 515 20.51 20.04 1.41
N ASP A 516 19.66 21.02 1.67
CA ASP A 516 18.37 20.99 0.97
C ASP A 516 18.65 21.20 -0.50
N THR A 517 17.95 20.41 -1.33
CA THR A 517 18.26 20.34 -2.73
C THR A 517 16.97 20.15 -3.50
N MET A 518 16.58 21.16 -4.26
CA MET A 518 15.37 21.07 -5.07
C MET A 518 15.69 20.35 -6.37
N ALA A 519 15.06 19.20 -6.60
CA ALA A 519 15.26 18.50 -7.86
C ALA A 519 14.94 19.43 -9.02
N GLY A 520 15.84 19.49 -10.00
CA GLY A 520 15.64 20.35 -11.15
C GLY A 520 16.27 21.74 -11.00
N LEU A 521 16.67 22.11 -9.79
CA LEU A 521 17.34 23.38 -9.59
C LEU A 521 18.81 23.25 -9.95
N HIS A 522 19.16 23.77 -11.12
CA HIS A 522 20.52 23.72 -11.63
C HIS A 522 21.14 25.09 -11.65
N LYS A 523 22.41 25.19 -11.26
CA LYS A 523 23.06 26.48 -11.34
C LYS A 523 24.57 26.31 -11.53
N LEU A 524 25.12 27.16 -12.38
CA LEU A 524 26.56 27.21 -12.66
C LEU A 524 27.02 28.66 -12.58
N PRO A 525 27.79 29.02 -11.56
CA PRO A 525 28.24 28.14 -10.47
C PRO A 525 27.10 27.79 -9.54
N SER A 526 27.31 26.75 -8.74
CA SER A 526 26.26 26.25 -7.87
C SER A 526 25.80 27.27 -6.83
N ILE A 527 24.56 27.12 -6.39
CA ILE A 527 24.05 27.84 -5.24
C ILE A 527 23.48 26.85 -4.22
N MET A 528 23.46 27.24 -2.95
CA MET A 528 22.71 26.47 -1.97
C MET A 528 21.31 26.23 -2.52
N TRP A 529 20.86 24.98 -2.39
CA TRP A 529 19.57 24.44 -2.87
C TRP A 529 19.64 23.82 -4.27
N SER A 530 20.73 24.08 -5.02
CA SER A 530 20.90 23.43 -6.33
C SER A 530 21.43 22.02 -6.21
N GLU A 531 21.18 21.23 -7.25
CA GLU A 531 21.70 19.86 -7.30
C GLU A 531 23.23 19.85 -7.31
N GLU A 532 23.82 20.86 -7.91
CA GLU A 532 25.27 20.92 -8.03
C GLU A 532 25.91 21.21 -6.69
N TYR A 533 25.30 22.11 -5.91
CA TYR A 533 25.82 22.40 -4.57
C TYR A 533 25.75 21.16 -3.68
N GLN A 534 24.68 20.36 -3.80
CA GLN A 534 24.61 19.12 -3.02
C GLN A 534 25.84 18.25 -3.30
N LYS A 535 26.19 18.10 -4.58
CA LYS A 535 27.39 17.33 -4.93
C LYS A 535 28.65 17.93 -4.30
N GLU A 536 28.83 19.24 -4.47
CA GLU A 536 30.05 19.89 -3.97
C GLU A 536 30.14 19.82 -2.44
N TYR A 537 29.00 20.00 -1.77
CA TYR A 537 28.94 19.88 -0.32
C TYR A 537 29.38 18.48 0.13
N LEU A 538 28.88 17.46 -0.54
CA LEU A 538 29.24 16.10 -0.19
C LEU A 538 30.74 15.87 -0.40
N GLU A 539 31.25 16.35 -1.53
CA GLU A 539 32.67 16.14 -1.83
C GLU A 539 33.53 16.76 -0.76
N MET A 540 33.14 17.94 -0.29
CA MET A 540 33.89 18.62 0.80
C MET A 540 33.84 17.81 2.09
N ASN A 541 32.64 17.34 2.44
CA ASN A 541 32.50 16.54 3.64
C ASN A 541 33.34 15.26 3.57
N PHE A 542 33.37 14.60 2.40
CA PHE A 542 34.16 13.38 2.23
C PHE A 542 35.64 13.64 2.50
N ARG A 543 36.15 14.76 1.97
CA ARG A 543 37.53 15.15 2.20
C ARG A 543 37.82 15.25 3.69
N VAL A 544 36.90 15.84 4.44
CA VAL A 544 37.08 15.96 5.87
C VAL A 544 37.02 14.58 6.53
N PHE A 545 35.97 13.81 6.23
CA PHE A 545 35.83 12.45 6.78
C PHE A 545 37.11 11.63 6.63
N ASP A 546 37.64 11.65 5.40
CA ASP A 546 38.75 10.80 5.03
C ASP A 546 40.07 11.28 5.64
N SER A 547 40.04 12.44 6.27
CA SER A 547 41.23 12.99 6.93
C SER A 547 41.44 12.48 8.35
N TYR A 548 40.44 11.76 8.88
CA TYR A 548 40.53 11.27 10.25
C TYR A 548 40.35 9.76 10.31
N GLU A 549 41.35 9.09 10.89
CA GLU A 549 41.37 7.64 10.91
C GLU A 549 40.18 7.08 11.70
N PHE A 550 39.73 7.81 12.72
CA PHE A 550 38.73 7.27 13.63
C PHE A 550 37.30 7.44 13.12
N VAL A 551 37.14 8.09 11.97
CA VAL A 551 35.82 8.16 11.36
C VAL A 551 35.58 6.83 10.66
N GLN A 552 34.50 6.16 11.02
CA GLN A 552 34.28 4.82 10.51
C GLN A 552 32.87 4.63 9.97
N GLY A 553 32.18 5.72 9.67
CA GLY A 553 30.86 5.58 9.06
C GLY A 553 30.32 6.91 8.62
N GLU A 554 29.52 6.88 7.57
CA GLU A 554 28.88 8.08 7.06
C GLU A 554 27.46 7.69 6.66
N LEU A 555 26.48 8.22 7.40
CA LEU A 555 25.08 8.00 7.10
C LEU A 555 24.46 9.35 6.77
N ALA A 556 24.21 9.58 5.48
CA ALA A 556 23.80 10.88 4.99
C ALA A 556 22.37 11.23 5.42
N TRP A 557 22.11 12.51 5.59
CA TRP A 557 20.75 13.01 5.80
C TRP A 557 20.23 13.65 4.51
N ASN A 558 19.16 13.14 3.87
CA ASN A 558 18.38 11.96 4.24
C ASN A 558 18.39 11.07 3.00
N PHE A 559 17.98 9.80 3.17
CA PHE A 559 17.76 8.94 2.02
C PHE A 559 16.83 9.62 1.02
N ALA A 560 15.72 10.16 1.49
CA ALA A 560 14.73 10.76 0.58
C ALA A 560 14.08 11.98 1.18
N ASP A 561 13.62 12.89 0.32
CA ASP A 561 12.85 14.05 0.77
C ASP A 561 11.68 13.54 1.58
N PHE A 562 11.33 14.23 2.65
CA PHE A 562 10.25 13.76 3.52
C PHE A 562 9.42 14.91 4.09
N GLN A 563 8.22 14.60 4.55
CA GLN A 563 7.31 15.64 5.01
C GLN A 563 7.72 16.22 6.35
N THR A 564 7.59 17.54 6.46
CA THR A 564 7.82 18.23 7.73
C THR A 564 6.63 19.12 8.05
N THR A 565 6.63 19.68 9.25
CA THR A 565 5.79 20.82 9.56
C THR A 565 6.01 21.90 8.52
N GLU A 566 4.94 22.56 8.05
CA GLU A 566 5.17 23.59 7.05
C GLU A 566 5.73 24.83 7.74
N GLY A 567 6.42 25.66 6.98
CA GLY A 567 7.00 26.88 7.52
C GLY A 567 7.85 27.57 6.49
N ILE A 568 8.49 28.66 6.87
CA ILE A 568 9.25 29.43 5.89
C ILE A 568 10.56 28.74 5.50
N MET A 569 10.97 27.73 6.27
CA MET A 569 12.25 27.05 6.01
C MET A 569 12.06 25.72 5.30
N ARG A 570 10.81 25.38 4.98
CA ARG A 570 10.52 24.06 4.43
C ARG A 570 9.64 24.15 3.18
N VAL A 571 10.26 23.89 2.03
CA VAL A 571 9.59 23.99 0.74
C VAL A 571 8.92 22.66 0.39
N ASP A 572 7.74 22.42 0.94
CA ASP A 572 7.10 21.11 0.90
C ASP A 572 8.01 20.07 1.53
N GLY A 573 8.16 20.16 2.85
CA GLY A 573 8.97 19.22 3.58
C GLY A 573 10.46 19.52 3.51
N ASN A 574 11.23 18.50 3.89
CA ASN A 574 12.67 18.54 3.96
C ASN A 574 13.24 18.05 2.64
N HIS A 575 14.11 18.82 2.01
CA HIS A 575 14.65 18.42 0.71
C HIS A 575 16.11 18.01 0.75
N LYS A 576 16.57 17.55 1.90
CA LYS A 576 17.94 17.03 1.99
C LYS A 576 18.06 15.60 1.46
N GLY A 577 16.97 15.09 0.90
CA GLY A 577 17.03 13.77 0.31
C GLY A 577 18.04 13.69 -0.82
N VAL A 578 18.69 12.54 -0.92
CA VAL A 578 19.51 12.16 -2.05
C VAL A 578 18.61 11.62 -3.16
N PHE A 579 17.48 11.06 -2.72
CA PHE A 579 16.37 10.71 -3.62
C PHE A 579 15.20 11.64 -3.37
N THR A 580 14.34 11.78 -4.38
CA THR A 580 13.08 12.48 -4.23
C THR A 580 12.12 11.66 -3.37
N ARG A 581 11.00 12.24 -2.99
CA ARG A 581 10.05 11.53 -2.15
C ARG A 581 9.47 10.30 -2.85
N ASP A 582 9.35 10.37 -4.18
CA ASP A 582 8.89 9.22 -4.93
C ASP A 582 10.07 8.34 -5.37
N ARG A 583 11.21 8.54 -4.71
CA ARG A 583 12.32 7.58 -4.75
C ARG A 583 13.09 7.61 -6.08
N GLN A 584 13.38 8.80 -6.58
CA GLN A 584 14.20 8.92 -7.79
C GLN A 584 15.46 9.72 -7.47
N PRO A 585 16.60 9.38 -8.12
CA PRO A 585 17.89 9.96 -7.71
C PRO A 585 18.13 11.39 -8.17
N LYS A 586 18.55 12.26 -7.25
CA LYS A 586 19.08 13.54 -7.65
C LYS A 586 20.52 13.29 -8.11
N ALA A 587 21.16 14.33 -8.63
CA ALA A 587 22.52 14.19 -9.15
C ALA A 587 23.47 13.59 -8.11
N ALA A 588 23.31 13.99 -6.85
CA ALA A 588 24.23 13.55 -5.79
C ALA A 588 24.15 12.07 -5.48
N ALA A 589 23.07 11.40 -5.88
CA ALA A 589 22.94 9.98 -5.58
C ALA A 589 24.07 9.20 -6.25
N VAL A 590 24.47 9.62 -7.44
CA VAL A 590 25.56 8.98 -8.17
C VAL A 590 26.89 9.16 -7.44
N VAL A 591 27.04 10.31 -6.77
CA VAL A 591 28.27 10.60 -6.03
C VAL A 591 28.43 9.57 -4.91
N PHE A 592 27.34 9.30 -4.19
CA PHE A 592 27.39 8.27 -3.16
C PHE A 592 27.67 6.91 -3.78
N LYS A 593 27.00 6.60 -4.89
CA LYS A 593 27.14 5.30 -5.54
C LYS A 593 28.61 5.04 -5.89
N ASP A 594 29.23 6.02 -6.54
CA ASP A 594 30.62 5.87 -6.96
C ASP A 594 31.58 5.76 -5.77
N ARG A 595 31.35 6.56 -4.73
CA ARG A 595 32.23 6.52 -3.58
C ARG A 595 32.11 5.21 -2.77
N TRP A 596 30.89 4.71 -2.60
CA TRP A 596 30.66 3.53 -1.76
C TRP A 596 30.95 2.23 -2.48
N GLU A 597 31.09 2.30 -3.80
CA GLU A 597 31.47 1.11 -4.56
C GLU A 597 32.83 0.58 -4.07
N LEU B 2 -20.00 -19.75 -15.16
CA LEU B 2 -18.62 -19.89 -14.73
C LEU B 2 -18.44 -21.09 -13.79
N GLU B 3 -17.26 -21.67 -13.81
CA GLU B 3 -16.93 -22.83 -12.97
C GLU B 3 -16.48 -22.46 -11.56
N TYR B 4 -16.78 -21.23 -11.15
CA TYR B 4 -16.32 -20.72 -9.87
C TYR B 4 -17.19 -19.53 -9.51
N SER B 5 -17.03 -19.05 -8.28
CA SER B 5 -17.77 -17.89 -7.79
C SER B 5 -16.94 -16.61 -7.93
N GLU B 6 -17.57 -15.53 -8.36
CA GLU B 6 -16.94 -14.21 -8.36
C GLU B 6 -17.18 -13.45 -7.05
N LEU B 7 -18.00 -14.01 -6.16
CA LEU B 7 -18.40 -13.30 -4.93
C LEU B 7 -17.19 -12.91 -4.07
N TYR B 8 -17.21 -11.69 -3.57
CA TYR B 8 -16.13 -11.20 -2.73
C TYR B 8 -16.07 -12.04 -1.46
N PRO B 9 -14.86 -12.39 -1.01
CA PRO B 9 -14.76 -13.27 0.17
C PRO B 9 -15.17 -12.59 1.47
N ILE B 10 -15.84 -13.36 2.33
CA ILE B 10 -16.22 -12.88 3.65
C ILE B 10 -15.85 -13.89 4.72
N GLN B 11 -15.88 -13.44 5.97
CA GLN B 11 -15.52 -14.25 7.12
C GLN B 11 -16.72 -14.38 8.05
N ASN B 12 -17.22 -15.60 8.21
CA ASN B 12 -18.33 -15.84 9.13
C ASN B 12 -18.30 -17.28 9.60
N GLU B 13 -19.40 -17.76 10.16
CA GLU B 13 -19.41 -19.10 10.73
C GLU B 13 -19.17 -20.20 9.69
N TYR B 14 -19.47 -19.90 8.43
CA TYR B 14 -19.45 -20.91 7.38
C TYR B 14 -18.29 -20.70 6.41
N ARG B 15 -17.82 -19.46 6.33
CA ARG B 15 -16.79 -19.09 5.36
C ARG B 15 -15.58 -18.51 6.06
N MET B 16 -14.39 -18.88 5.61
CA MET B 16 -13.17 -18.44 6.20
C MET B 16 -12.26 -17.80 5.15
N MET B 17 -11.40 -16.90 5.58
CA MET B 17 -10.46 -16.31 4.64
C MET B 17 -9.19 -15.95 5.37
N GLN B 18 -8.08 -16.03 4.65
CA GLN B 18 -6.78 -15.69 5.20
C GLN B 18 -6.03 -14.97 4.09
N SER B 19 -5.50 -13.79 4.39
CA SER B 19 -4.78 -13.04 3.39
C SER B 19 -3.40 -13.62 3.12
N LEU B 20 -3.05 -13.71 1.84
CA LEU B 20 -1.70 -14.12 1.45
C LEU B 20 -0.84 -12.92 1.03
N ASP B 21 -1.35 -11.71 1.23
CA ASP B 21 -0.59 -10.51 0.91
C ASP B 21 0.70 -10.46 1.72
N GLY B 22 1.74 -9.86 1.14
CA GLY B 22 3.00 -9.72 1.85
C GLY B 22 4.15 -9.78 0.87
N MET B 23 5.29 -10.29 1.32
CA MET B 23 6.43 -10.46 0.44
C MET B 23 6.46 -11.87 -0.10
N TRP B 24 6.28 -11.99 -1.41
CA TRP B 24 6.36 -13.28 -2.06
C TRP B 24 7.75 -13.50 -2.64
N LYS B 25 8.03 -14.72 -3.06
CA LYS B 25 9.23 -14.98 -3.85
C LYS B 25 8.87 -14.79 -5.31
N PHE B 26 9.88 -14.43 -6.11
CA PHE B 26 9.66 -13.96 -7.46
C PHE B 26 10.88 -14.27 -8.29
N GLN B 27 10.66 -14.75 -9.51
CA GLN B 27 11.80 -14.99 -10.41
C GLN B 27 11.40 -14.82 -11.87
N PHE B 28 12.21 -14.05 -12.61
CA PHE B 28 12.03 -13.89 -14.04
C PHE B 28 12.43 -15.21 -14.73
N ASP B 29 11.81 -15.49 -15.86
CA ASP B 29 12.09 -16.74 -16.59
C ASP B 29 12.27 -16.46 -18.08
N PRO B 30 13.33 -15.71 -18.42
CA PRO B 30 13.58 -15.29 -19.81
C PRO B 30 13.81 -16.45 -20.76
N GLU B 31 14.38 -17.54 -20.26
CA GLU B 31 14.65 -18.70 -21.12
C GLU B 31 13.44 -19.63 -21.20
N GLU B 32 12.40 -19.32 -20.43
CA GLU B 32 11.18 -20.13 -20.40
C GLU B 32 11.48 -21.60 -20.08
N ILE B 33 12.17 -21.81 -18.96
CA ILE B 33 12.58 -23.12 -18.53
C ILE B 33 11.91 -23.55 -17.22
N GLY B 34 11.05 -22.71 -16.67
CA GLY B 34 10.51 -22.97 -15.35
C GLY B 34 9.80 -24.31 -15.21
N LYS B 35 8.86 -24.60 -16.09
CA LYS B 35 8.05 -25.80 -15.92
C LYS B 35 8.89 -27.06 -16.11
N LYS B 36 9.77 -27.08 -17.11
CA LYS B 36 10.58 -28.27 -17.34
C LYS B 36 11.65 -28.39 -16.26
N SER B 37 11.86 -27.32 -15.49
CA SER B 37 12.87 -27.31 -14.44
C SER B 37 12.25 -27.50 -13.05
N GLY B 38 10.94 -27.69 -13.00
CA GLY B 38 10.26 -27.97 -11.76
C GLY B 38 10.01 -26.76 -10.86
N TRP B 39 9.92 -25.57 -11.45
CA TRP B 39 9.73 -24.36 -10.64
C TRP B 39 8.39 -24.36 -9.92
N GLU B 40 7.44 -25.15 -10.39
CA GLU B 40 6.14 -25.23 -9.72
C GLU B 40 6.26 -25.84 -8.33
N ASN B 41 7.42 -26.44 -8.05
CA ASN B 41 7.72 -26.97 -6.72
C ASN B 41 8.56 -26.01 -5.89
N GLY B 42 8.84 -24.84 -6.44
CA GLY B 42 9.65 -23.85 -5.76
C GLY B 42 10.65 -23.19 -6.67
N LEU B 43 10.78 -21.88 -6.56
CA LEU B 43 11.69 -21.14 -7.43
C LEU B 43 13.10 -21.32 -6.93
N PRO B 44 14.05 -21.54 -7.85
CA PRO B 44 15.44 -21.86 -7.51
C PRO B 44 16.29 -20.68 -7.04
N ALA B 45 16.02 -19.47 -7.52
CA ALA B 45 16.85 -18.32 -7.15
C ALA B 45 16.02 -17.06 -7.11
N PRO B 46 15.02 -17.04 -6.22
CA PRO B 46 14.03 -15.96 -6.20
C PRO B 46 14.55 -14.67 -5.56
N VAL B 47 13.89 -13.57 -5.89
CA VAL B 47 14.02 -12.33 -5.14
C VAL B 47 12.69 -12.09 -4.42
N SER B 48 12.65 -11.11 -3.50
CA SER B 48 11.40 -10.79 -2.83
C SER B 48 10.57 -9.82 -3.67
N MET B 49 9.25 -10.02 -3.67
CA MET B 49 8.34 -9.14 -4.42
C MET B 49 7.08 -8.85 -3.62
N PRO B 50 6.76 -7.56 -3.40
CA PRO B 50 5.52 -7.24 -2.68
C PRO B 50 4.27 -7.66 -3.45
N VAL B 51 3.27 -8.12 -2.71
CA VAL B 51 1.96 -8.44 -3.25
C VAL B 51 0.94 -7.87 -2.27
N PRO B 52 0.01 -7.04 -2.76
CA PRO B 52 -0.18 -6.62 -4.16
C PRO B 52 0.76 -5.50 -4.60
N SER B 53 1.18 -5.57 -5.87
CA SER B 53 1.95 -4.52 -6.53
C SER B 53 2.19 -4.91 -7.97
N SER B 54 2.45 -3.92 -8.81
CA SER B 54 3.06 -4.19 -10.11
C SER B 54 4.55 -4.37 -9.83
N PHE B 55 5.24 -5.26 -10.54
CA PHE B 55 6.65 -5.49 -10.22
C PHE B 55 7.60 -4.44 -10.80
N ALA B 56 7.16 -3.75 -11.85
CA ALA B 56 8.10 -3.01 -12.70
C ALA B 56 8.91 -1.94 -11.98
N ASP B 57 8.25 -1.16 -11.13
CA ASP B 57 8.91 0.08 -10.74
C ASP B 57 9.78 -0.05 -9.49
N PHE B 58 9.88 -1.25 -8.95
CA PHE B 58 10.79 -1.47 -7.82
C PHE B 58 12.24 -1.45 -8.24
N PHE B 59 12.52 -2.00 -9.43
CA PHE B 59 13.89 -2.26 -9.84
C PHE B 59 14.64 -1.00 -10.26
N THR B 60 15.97 -1.08 -10.27
CA THR B 60 16.77 0.08 -10.67
C THR B 60 17.40 -0.10 -12.04
N ASP B 61 17.12 -1.22 -12.69
CA ASP B 61 17.69 -1.48 -14.02
C ASP B 61 16.60 -1.63 -15.06
N HIS B 62 16.88 -1.22 -16.29
CA HIS B 62 15.88 -1.20 -17.36
C HIS B 62 15.31 -2.57 -17.65
N LYS B 63 16.16 -3.58 -17.71
CA LYS B 63 15.72 -4.88 -18.24
C LYS B 63 14.73 -5.55 -17.32
N GLU B 64 14.86 -5.31 -16.02
CA GLU B 64 13.88 -5.83 -15.07
C GLU B 64 12.58 -5.03 -15.11
N ARG B 65 12.68 -3.71 -15.19
CA ARG B 65 11.46 -2.89 -15.30
C ARG B 65 10.66 -3.24 -16.55
N ASP B 66 11.35 -3.38 -17.67
CA ASP B 66 10.71 -3.60 -18.95
C ASP B 66 10.52 -5.07 -19.28
N TYR B 67 10.71 -5.94 -18.30
CA TYR B 67 10.65 -7.38 -18.58
C TYR B 67 9.34 -7.78 -19.22
N CYS B 68 9.42 -8.59 -20.27
CA CYS B 68 8.26 -9.10 -20.95
C CYS B 68 8.46 -10.60 -21.21
N GLY B 69 7.49 -11.41 -20.80
CA GLY B 69 7.59 -12.85 -20.97
C GLY B 69 7.02 -13.59 -19.78
N ASP B 70 7.61 -14.73 -19.46
CA ASP B 70 7.20 -15.54 -18.33
C ASP B 70 7.93 -15.12 -17.06
N PHE B 71 7.22 -15.08 -15.94
CA PHE B 71 7.83 -14.81 -14.66
C PHE B 71 6.97 -15.48 -13.59
N TRP B 72 7.59 -15.79 -12.46
CA TRP B 72 6.96 -16.65 -11.47
C TRP B 72 6.89 -16.03 -10.10
N TYR B 73 5.79 -16.31 -9.40
CA TYR B 73 5.62 -15.95 -8.00
C TYR B 73 5.48 -17.19 -7.14
N GLU B 74 5.92 -17.11 -5.90
CA GLU B 74 5.74 -18.20 -4.95
C GLU B 74 5.52 -17.67 -3.54
N THR B 75 4.63 -18.31 -2.80
CA THR B 75 4.61 -18.09 -1.35
C THR B 75 4.18 -19.36 -0.65
N GLU B 76 4.24 -19.32 0.68
CA GLU B 76 3.81 -20.44 1.50
C GLU B 76 2.83 -19.92 2.54
N PHE B 77 1.90 -20.77 2.95
CA PHE B 77 0.93 -20.35 3.95
C PHE B 77 0.55 -21.54 4.82
N TYR B 78 0.25 -21.26 6.08
CA TYR B 78 -0.26 -22.29 6.96
C TYR B 78 -1.78 -22.37 6.86
N LEU B 79 -2.29 -23.56 6.60
CA LEU B 79 -3.74 -23.78 6.52
C LEU B 79 -4.25 -24.29 7.85
N PRO B 80 -5.17 -23.56 8.49
CA PRO B 80 -5.73 -24.03 9.75
C PRO B 80 -6.35 -25.42 9.62
N ALA B 81 -6.10 -26.28 10.59
CA ALA B 81 -6.65 -27.63 10.58
C ALA B 81 -8.17 -27.62 10.46
N GLU B 82 -8.78 -26.58 11.03
CA GLU B 82 -10.24 -26.49 11.07
C GLU B 82 -10.87 -26.23 9.69
N TRP B 83 -10.04 -26.11 8.65
CA TRP B 83 -10.57 -25.90 7.30
C TRP B 83 -10.79 -27.22 6.54
N ARG B 84 -10.42 -28.34 7.15
CA ARG B 84 -10.61 -29.63 6.49
C ARG B 84 -12.11 -29.85 6.29
N ASN B 85 -12.48 -30.58 5.24
CA ASN B 85 -13.89 -30.76 4.91
C ASN B 85 -14.56 -29.46 4.47
N LYS B 86 -13.76 -28.45 4.15
CA LYS B 86 -14.28 -27.27 3.48
C LYS B 86 -13.81 -27.31 2.02
N LYS B 87 -14.50 -26.59 1.15
CA LYS B 87 -13.95 -26.32 -0.19
C LYS B 87 -12.93 -25.20 -0.07
N ILE B 88 -11.70 -25.46 -0.49
CA ILE B 88 -10.62 -24.51 -0.25
C ILE B 88 -10.16 -23.93 -1.58
N TRP B 89 -10.16 -22.60 -1.66
CA TRP B 89 -9.86 -21.91 -2.91
C TRP B 89 -8.76 -20.88 -2.71
N LEU B 90 -7.86 -20.77 -3.68
CA LEU B 90 -7.03 -19.59 -3.79
C LEU B 90 -7.82 -18.56 -4.59
N ARG B 91 -7.86 -17.33 -4.12
CA ARG B 91 -8.53 -16.27 -4.86
C ARG B 91 -7.60 -15.10 -5.10
N PHE B 92 -7.25 -14.88 -6.36
CA PHE B 92 -6.38 -13.78 -6.73
C PHE B 92 -7.29 -12.66 -7.20
N GLY B 93 -7.10 -11.46 -6.67
CA GLY B 93 -7.86 -10.32 -7.19
C GLY B 93 -7.68 -10.21 -8.69
N SER B 94 -6.48 -10.53 -9.14
CA SER B 94 -6.17 -10.61 -10.56
C SER B 94 -4.82 -11.26 -10.70
N ILE B 95 -4.52 -11.69 -11.93
CA ILE B 95 -3.20 -12.16 -12.33
C ILE B 95 -2.94 -11.57 -13.70
N THR B 96 -1.94 -10.69 -13.81
CA THR B 96 -1.80 -9.85 -15.02
C THR B 96 -0.61 -10.29 -15.86
N HIS B 97 -0.80 -10.75 -17.10
CA HIS B 97 -2.07 -10.78 -17.85
C HIS B 97 -2.73 -12.14 -17.88
N ARG B 98 -1.92 -13.17 -17.70
CA ARG B 98 -2.42 -14.53 -17.82
C ARG B 98 -1.49 -15.40 -17.00
N GLY B 99 -2.00 -16.52 -16.50
CA GLY B 99 -1.16 -17.36 -15.69
C GLY B 99 -1.74 -18.71 -15.40
N THR B 100 -0.89 -19.54 -14.79
CA THR B 100 -1.24 -20.87 -14.34
C THR B 100 -0.90 -20.96 -12.87
N VAL B 101 -1.88 -21.39 -12.08
CA VAL B 101 -1.75 -21.49 -10.66
C VAL B 101 -1.41 -22.92 -10.25
N TYR B 102 -0.37 -23.08 -9.45
CA TYR B 102 0.03 -24.37 -8.89
C TYR B 102 -0.13 -24.32 -7.38
N CYS B 103 -0.51 -25.44 -6.78
CA CYS B 103 -0.53 -25.51 -5.31
C CYS B 103 0.03 -26.86 -4.89
N ASN B 104 1.03 -26.83 -4.01
CA ASN B 104 1.70 -28.05 -3.55
C ASN B 104 2.18 -28.88 -4.72
N GLY B 105 2.71 -28.20 -5.73
CA GLY B 105 3.33 -28.82 -6.89
C GLY B 105 2.35 -29.30 -7.96
N MET B 106 1.06 -29.06 -7.76
CA MET B 106 0.03 -29.54 -8.69
C MET B 106 -0.62 -28.40 -9.46
N GLU B 107 -0.78 -28.60 -10.76
CA GLU B 107 -1.47 -27.61 -11.59
C GLU B 107 -2.96 -27.54 -11.24
N ILE B 108 -3.44 -26.33 -10.95
CA ILE B 108 -4.82 -26.16 -10.51
C ILE B 108 -5.70 -25.56 -11.60
N THR B 109 -5.31 -24.39 -12.09
CA THR B 109 -6.12 -23.71 -13.09
C THR B 109 -5.28 -22.68 -13.85
N SER B 110 -5.81 -22.20 -14.96
CA SER B 110 -5.17 -21.15 -15.75
C SER B 110 -6.20 -20.08 -16.06
N HIS B 111 -5.73 -18.88 -16.33
CA HIS B 111 -6.65 -17.80 -16.62
C HIS B 111 -6.02 -16.82 -17.57
N GLU B 112 -6.86 -16.34 -18.50
CA GLU B 112 -6.51 -15.31 -19.46
C GLU B 112 -7.32 -14.04 -19.16
N GLY B 113 -6.63 -12.92 -18.96
CA GLY B 113 -7.31 -11.67 -18.62
C GLY B 113 -6.77 -11.16 -17.30
N GLY B 114 -6.17 -9.97 -17.33
CA GLY B 114 -5.32 -9.51 -16.24
C GLY B 114 -5.97 -8.62 -15.19
N PHE B 115 -7.28 -8.46 -15.25
CA PHE B 115 -7.95 -7.44 -14.44
C PHE B 115 -9.22 -7.94 -13.76
N LEU B 116 -9.36 -9.26 -13.69
CA LEU B 116 -10.52 -9.86 -13.01
C LEU B 116 -10.10 -11.08 -12.19
N PRO B 117 -10.89 -11.45 -11.16
CA PRO B 117 -10.48 -12.50 -10.22
C PRO B 117 -10.15 -13.85 -10.84
N VAL B 118 -9.18 -14.53 -10.24
CA VAL B 118 -8.82 -15.88 -10.66
C VAL B 118 -9.03 -16.79 -9.47
N LEU B 119 -9.90 -17.79 -9.62
CA LEU B 119 -10.22 -18.70 -8.55
C LEU B 119 -9.64 -20.07 -8.87
N ALA B 120 -8.93 -20.62 -7.90
CA ALA B 120 -8.28 -21.91 -8.05
C ALA B 120 -8.72 -22.84 -6.93
N ASP B 121 -9.43 -23.90 -7.29
CA ASP B 121 -9.94 -24.84 -6.31
C ASP B 121 -8.82 -25.79 -5.88
N ILE B 122 -8.31 -25.60 -4.66
CA ILE B 122 -7.21 -26.43 -4.19
C ILE B 122 -7.67 -27.50 -3.20
N SER B 123 -8.97 -27.76 -3.18
CA SER B 123 -9.55 -28.69 -2.21
C SER B 123 -8.86 -30.05 -2.23
N THR B 124 -8.55 -30.56 -3.42
CA THR B 124 -8.01 -31.91 -3.54
C THR B 124 -6.51 -32.01 -3.24
N VAL B 125 -5.82 -30.87 -3.12
CA VAL B 125 -4.39 -30.92 -2.83
C VAL B 125 -4.02 -30.15 -1.56
N ALA B 126 -4.97 -29.41 -1.01
CA ALA B 126 -4.72 -28.65 0.21
C ALA B 126 -4.37 -29.56 1.37
N LYS B 127 -3.46 -29.11 2.22
CA LYS B 127 -3.08 -29.84 3.43
C LYS B 127 -3.42 -29.06 4.69
N PRO B 128 -4.62 -29.28 5.25
CA PRO B 128 -5.04 -28.64 6.49
C PRO B 128 -4.11 -29.00 7.66
N GLY B 129 -3.77 -28.03 8.49
CA GLY B 129 -2.88 -28.27 9.61
C GLY B 129 -1.42 -28.37 9.20
N GLN B 130 -1.12 -27.91 7.99
CA GLN B 130 0.26 -27.91 7.49
C GLN B 130 0.55 -26.64 6.69
N VAL B 131 1.85 -26.40 6.46
CA VAL B 131 2.26 -25.39 5.52
C VAL B 131 1.97 -25.87 4.09
N ASN B 132 1.35 -25.00 3.30
CA ASN B 132 1.09 -25.26 1.89
C ASN B 132 1.88 -24.28 1.03
N GLN B 133 2.06 -24.65 -0.24
CA GLN B 133 2.80 -23.82 -1.18
C GLN B 133 1.91 -23.39 -2.35
N VAL B 134 2.06 -22.14 -2.78
CA VAL B 134 1.45 -21.69 -4.03
C VAL B 134 2.54 -21.14 -4.94
N VAL B 135 2.50 -21.54 -6.20
CA VAL B 135 3.42 -21.03 -7.21
C VAL B 135 2.58 -20.62 -8.42
N VAL B 136 2.86 -19.45 -8.97
CA VAL B 136 2.10 -18.97 -10.11
C VAL B 136 3.04 -18.64 -11.25
N LYS B 137 2.77 -19.21 -12.41
CA LYS B 137 3.47 -18.84 -13.63
C LYS B 137 2.62 -17.78 -14.29
N ILE B 138 3.23 -16.62 -14.55
CA ILE B 138 2.54 -15.50 -15.16
C ILE B 138 3.21 -15.11 -16.47
N ASN B 139 2.43 -14.56 -17.39
CA ASN B 139 2.98 -14.04 -18.61
C ASN B 139 2.36 -12.67 -18.86
N ASN B 140 3.15 -11.71 -19.34
CA ASN B 140 2.63 -10.36 -19.53
C ASN B 140 2.77 -9.86 -20.97
N GLU B 141 2.89 -10.79 -21.91
CA GLU B 141 2.98 -10.42 -23.32
C GLU B 141 1.65 -9.87 -23.83
N LEU B 142 1.72 -9.12 -24.91
CA LEU B 142 0.53 -8.58 -25.54
C LEU B 142 0.35 -9.20 -26.91
N ASN B 143 -0.91 -9.51 -27.25
CA ASN B 143 -1.19 -10.07 -28.57
C ASN B 143 -2.52 -9.55 -29.10
N GLU B 144 -2.97 -10.11 -30.21
CA GLU B 144 -4.19 -9.63 -30.83
C GLU B 144 -5.36 -10.61 -30.64
N THR B 145 -5.20 -11.55 -29.71
CA THR B 145 -6.27 -12.50 -29.44
C THR B 145 -6.77 -12.43 -27.99
N SER B 146 -6.25 -11.47 -27.23
CA SER B 146 -6.69 -11.28 -25.85
C SER B 146 -6.60 -9.81 -25.49
N LEU B 147 -7.24 -9.41 -24.41
CA LEU B 147 -7.32 -8.01 -24.02
C LEU B 147 -6.39 -7.67 -22.84
N PRO B 148 -5.78 -6.47 -22.84
CA PRO B 148 -5.83 -5.46 -23.91
C PRO B 148 -4.85 -5.84 -25.00
N CYS B 149 -5.09 -5.36 -26.23
CA CYS B 149 -4.29 -5.83 -27.35
C CYS B 149 -2.96 -5.11 -27.52
N GLY B 150 -2.01 -5.84 -28.08
CA GLY B 150 -0.73 -5.27 -28.44
C GLY B 150 0.09 -6.29 -29.17
N ALA B 151 1.38 -6.01 -29.27
CA ALA B 151 2.33 -6.92 -29.89
C ALA B 151 3.48 -7.20 -28.92
N THR B 152 4.25 -8.22 -29.23
CA THR B 152 5.48 -8.47 -28.51
C THR B 152 6.62 -8.39 -29.52
N LYS B 153 7.61 -7.55 -29.23
CA LYS B 153 8.77 -7.42 -30.11
C LYS B 153 9.91 -8.24 -29.56
N ILE B 154 10.62 -8.94 -30.44
CA ILE B 154 11.76 -9.71 -29.99
C ILE B 154 13.03 -9.01 -30.46
N LEU B 155 13.82 -8.55 -29.50
CA LEU B 155 15.08 -7.88 -29.80
C LEU B 155 16.07 -8.93 -30.28
N ASN B 156 17.11 -8.51 -31.00
CA ASN B 156 18.01 -9.45 -31.67
C ASN B 156 18.60 -10.50 -30.74
N ASN B 157 18.80 -10.13 -29.49
CA ASN B 157 19.41 -11.03 -28.51
C ASN B 157 18.40 -11.96 -27.82
N GLY B 158 17.16 -11.95 -28.30
CA GLY B 158 16.13 -12.80 -27.75
C GLY B 158 15.23 -12.15 -26.70
N ARG B 159 15.63 -10.96 -26.24
CA ARG B 159 14.86 -10.27 -25.21
C ARG B 159 13.52 -9.79 -25.76
N LYS B 160 12.45 -9.98 -24.98
CA LYS B 160 11.12 -9.52 -25.41
C LYS B 160 10.82 -8.14 -24.87
N LEU B 161 10.01 -7.40 -25.63
CA LEU B 161 9.59 -6.06 -25.25
C LEU B 161 8.12 -5.92 -25.60
N ALA B 162 7.29 -5.55 -24.63
CA ALA B 162 5.88 -5.34 -24.90
C ALA B 162 5.68 -4.09 -25.76
N LYS B 163 4.81 -4.19 -26.76
CA LYS B 163 4.47 -3.06 -27.61
C LYS B 163 2.96 -2.86 -27.60
N PRO B 164 2.46 -2.08 -26.63
CA PRO B 164 1.00 -1.95 -26.51
C PRO B 164 0.37 -1.23 -27.68
N TYR B 165 -0.89 -1.53 -27.97
CA TYR B 165 -1.67 -0.70 -28.87
C TYR B 165 -2.47 0.32 -28.05
N PHE B 166 -2.12 0.43 -26.76
CA PHE B 166 -2.80 1.33 -25.82
C PHE B 166 -1.77 2.21 -25.10
N ASP B 167 -2.25 3.29 -24.50
CA ASP B 167 -1.45 4.34 -23.92
C ASP B 167 -1.51 4.24 -22.40
N PHE B 168 -1.14 3.12 -21.88
CA PHE B 168 -0.90 2.94 -20.47
C PHE B 168 0.22 1.94 -20.34
N PHE B 169 1.06 2.18 -19.34
CA PHE B 169 2.24 1.33 -19.21
C PHE B 169 1.83 -0.12 -18.99
N ASN B 170 2.57 -1.05 -19.58
CA ASN B 170 2.23 -2.46 -19.41
C ASN B 170 2.60 -3.03 -18.04
N TYR B 171 2.02 -2.47 -16.98
CA TYR B 171 2.22 -3.02 -15.64
C TYR B 171 1.65 -4.44 -15.52
N SER B 172 2.28 -5.27 -14.71
CA SER B 172 1.84 -6.65 -14.58
C SER B 172 2.35 -7.29 -13.30
N GLY B 173 1.99 -8.55 -13.07
CA GLY B 173 2.32 -9.25 -11.84
C GLY B 173 1.07 -9.55 -11.03
N LEU B 174 1.22 -9.61 -9.70
CA LEU B 174 0.08 -9.81 -8.81
C LEU B 174 -0.29 -8.48 -8.18
N GLN B 175 -1.18 -7.75 -8.87
CA GLN B 175 -1.44 -6.34 -8.58
C GLN B 175 -2.56 -6.12 -7.58
N ARG B 176 -3.23 -7.21 -7.21
CA ARG B 176 -4.32 -7.16 -6.25
C ARG B 176 -4.17 -8.20 -5.16
N SER B 177 -4.98 -8.07 -4.12
CA SER B 177 -4.85 -8.93 -2.96
C SER B 177 -5.10 -10.40 -3.32
N VAL B 178 -4.46 -11.27 -2.57
CA VAL B 178 -4.61 -12.70 -2.75
C VAL B 178 -5.07 -13.30 -1.44
N TRP B 179 -6.14 -14.11 -1.50
CA TRP B 179 -6.60 -14.82 -0.31
C TRP B 179 -6.57 -16.31 -0.51
N VAL B 180 -6.51 -17.05 0.59
CA VAL B 180 -6.95 -18.44 0.53
C VAL B 180 -8.24 -18.48 1.35
N ILE B 181 -9.27 -19.12 0.82
CA ILE B 181 -10.56 -19.09 1.50
C ILE B 181 -11.10 -20.51 1.66
N ALA B 182 -12.09 -20.65 2.53
CA ALA B 182 -12.75 -21.93 2.73
C ALA B 182 -14.26 -21.72 2.70
N LEU B 183 -14.94 -22.52 1.88
CA LEU B 183 -16.38 -22.43 1.72
C LEU B 183 -17.04 -23.73 2.16
N PRO B 184 -18.31 -23.66 2.57
CA PRO B 184 -19.07 -24.90 2.84
C PRO B 184 -19.17 -25.73 1.57
N GLU B 185 -19.35 -27.05 1.70
CA GLU B 185 -19.45 -27.91 0.51
C GLU B 185 -20.64 -27.54 -0.36
N GLU B 186 -21.71 -27.06 0.26
CA GLU B 186 -22.82 -26.48 -0.49
C GLU B 186 -22.84 -24.99 -0.19
N SER B 187 -22.63 -24.17 -1.21
CA SER B 187 -22.45 -22.73 -0.98
C SER B 187 -23.20 -21.88 -1.97
N VAL B 188 -23.40 -20.61 -1.59
CA VAL B 188 -23.90 -19.61 -2.51
C VAL B 188 -22.80 -19.29 -3.52
N LYS B 189 -23.08 -19.48 -4.80
CA LYS B 189 -22.06 -19.30 -5.82
C LYS B 189 -22.22 -17.96 -6.54
N ASP B 190 -23.47 -17.55 -6.70
CA ASP B 190 -23.80 -16.30 -7.36
C ASP B 190 -25.19 -15.85 -6.95
N TYR B 191 -25.45 -14.55 -7.06
CA TYR B 191 -26.80 -14.04 -6.95
C TYR B 191 -26.89 -12.76 -7.77
N SER B 192 -28.11 -12.37 -8.10
CA SER B 192 -28.35 -11.14 -8.85
C SER B 192 -29.53 -10.41 -8.25
N VAL B 193 -29.44 -9.08 -8.19
CA VAL B 193 -30.56 -8.24 -7.80
C VAL B 193 -30.93 -7.25 -8.91
N ASP B 194 -32.21 -6.95 -8.99
CA ASP B 194 -32.75 -5.98 -9.93
C ASP B 194 -33.85 -5.22 -9.17
N TYR B 195 -34.00 -3.93 -9.46
CA TYR B 195 -34.86 -3.09 -8.64
C TYR B 195 -36.05 -2.51 -9.41
N GLU B 196 -37.17 -2.37 -8.71
CA GLU B 196 -38.31 -1.68 -9.24
C GLU B 196 -38.86 -0.73 -8.19
N LEU B 197 -39.16 0.50 -8.58
CA LEU B 197 -39.66 1.51 -7.65
C LEU B 197 -41.18 1.58 -7.74
N CYS B 198 -41.84 1.47 -6.59
CA CYS B 198 -43.30 1.52 -6.55
C CYS B 198 -43.75 2.56 -5.56
N GLY B 199 -43.69 3.84 -5.95
CA GLY B 199 -44.03 4.92 -5.06
C GLY B 199 -43.00 5.10 -3.96
N THR B 200 -43.44 4.94 -2.71
CA THR B 200 -42.53 5.06 -1.57
C THR B 200 -41.87 3.71 -1.28
N ASP B 201 -42.33 2.67 -1.97
CA ASP B 201 -41.82 1.33 -1.75
C ASP B 201 -40.94 0.89 -2.89
N ALA B 202 -40.27 -0.25 -2.71
CA ALA B 202 -39.41 -0.80 -3.75
C ALA B 202 -39.44 -2.32 -3.74
N LEU B 203 -39.22 -2.90 -4.91
CA LEU B 203 -39.09 -4.34 -5.04
C LEU B 203 -37.64 -4.71 -5.34
N VAL B 204 -37.11 -5.70 -4.64
CA VAL B 204 -35.80 -6.23 -4.99
C VAL B 204 -36.02 -7.62 -5.55
N LYS B 205 -35.97 -7.73 -6.87
CA LYS B 205 -36.05 -9.02 -7.56
C LYS B 205 -34.68 -9.68 -7.46
N TYR B 206 -34.65 -10.99 -7.26
CA TYR B 206 -33.37 -11.66 -7.13
C TYR B 206 -33.36 -13.08 -7.68
N GLU B 207 -32.15 -13.53 -7.99
CA GLU B 207 -31.86 -14.91 -8.31
C GLU B 207 -30.66 -15.34 -7.49
N VAL B 208 -30.66 -16.58 -7.06
CA VAL B 208 -29.55 -17.14 -6.32
C VAL B 208 -29.10 -18.45 -6.96
N VAL B 209 -27.81 -18.58 -7.22
CA VAL B 209 -27.24 -19.83 -7.68
C VAL B 209 -26.41 -20.45 -6.56
N THR B 210 -26.68 -21.70 -6.23
CA THR B 210 -25.89 -22.40 -5.23
C THR B 210 -25.28 -23.65 -5.84
N THR B 211 -24.42 -24.32 -5.10
CA THR B 211 -23.77 -25.53 -5.59
C THR B 211 -24.51 -26.77 -5.10
N GLY B 212 -25.76 -26.58 -4.67
CA GLY B 212 -26.55 -27.70 -4.18
C GLY B 212 -28.05 -27.53 -4.37
N GLU B 213 -28.81 -28.38 -3.71
CA GLU B 213 -30.26 -28.46 -3.91
C GLU B 213 -31.06 -28.02 -2.69
N HIS B 214 -30.39 -27.72 -1.58
CA HIS B 214 -31.11 -27.33 -0.39
C HIS B 214 -31.78 -25.97 -0.56
N PRO B 215 -32.82 -25.71 0.24
CA PRO B 215 -33.65 -24.51 0.19
C PRO B 215 -32.85 -23.25 0.49
N VAL B 216 -33.29 -22.13 -0.07
CA VAL B 216 -32.63 -20.85 0.12
C VAL B 216 -33.59 -19.86 0.77
N ILE B 217 -33.07 -19.10 1.73
CA ILE B 217 -33.80 -18.03 2.37
C ILE B 217 -33.07 -16.72 2.13
N VAL B 218 -33.79 -15.70 1.70
CA VAL B 218 -33.18 -14.40 1.44
C VAL B 218 -33.79 -13.36 2.35
N ARG B 219 -32.92 -12.64 3.07
CA ARG B 219 -33.34 -11.55 3.92
C ARG B 219 -32.71 -10.24 3.47
N LEU B 220 -33.38 -9.14 3.75
CA LEU B 220 -32.81 -7.82 3.55
C LEU B 220 -32.81 -7.08 4.87
N LEU B 221 -31.64 -6.56 5.26
CA LEU B 221 -31.49 -5.77 6.48
C LEU B 221 -31.25 -4.32 6.08
N ASP B 222 -31.75 -3.37 6.86
CA ASP B 222 -31.45 -1.98 6.57
C ASP B 222 -30.07 -1.63 7.12
N ALA B 223 -29.68 -0.37 7.03
CA ALA B 223 -28.31 0.03 7.39
C ALA B 223 -28.06 -0.11 8.88
N GLU B 224 -29.12 -0.28 9.66
CA GLU B 224 -28.97 -0.49 11.10
C GLU B 224 -29.00 -1.98 11.44
N GLY B 225 -29.19 -2.83 10.44
CA GLY B 225 -29.19 -4.27 10.65
C GLY B 225 -30.58 -4.82 10.96
N GLU B 226 -31.59 -3.97 10.82
CA GLU B 226 -32.97 -4.38 11.08
C GLU B 226 -33.60 -5.03 9.86
N LEU B 227 -34.32 -6.12 10.09
CA LEU B 227 -34.93 -6.88 9.01
C LEU B 227 -36.06 -6.10 8.37
N VAL B 228 -36.05 -5.96 7.05
CA VAL B 228 -37.12 -5.23 6.38
C VAL B 228 -37.84 -6.09 5.36
N ALA B 229 -37.25 -7.23 5.01
CA ALA B 229 -37.86 -8.12 4.04
C ALA B 229 -37.26 -9.52 4.14
N GLU B 230 -38.08 -10.51 3.84
CA GLU B 230 -37.65 -11.90 3.91
C GLU B 230 -38.53 -12.75 3.00
N THR B 231 -37.91 -13.64 2.24
CA THR B 231 -38.66 -14.54 1.40
C THR B 231 -37.88 -15.82 1.20
N GLU B 232 -38.46 -16.77 0.50
CA GLU B 232 -37.83 -18.05 0.30
C GLU B 232 -37.75 -18.41 -1.15
N GLY B 233 -36.73 -19.19 -1.49
CA GLY B 233 -36.59 -19.64 -2.86
C GLY B 233 -35.37 -19.04 -3.53
N LYS B 234 -34.86 -19.75 -4.53
CA LYS B 234 -33.68 -19.28 -5.27
C LYS B 234 -34.03 -18.17 -6.25
N GLU B 235 -35.33 -17.98 -6.48
CA GLU B 235 -35.81 -16.83 -7.24
C GLU B 235 -36.97 -16.22 -6.48
N GLY B 236 -37.01 -14.91 -6.40
CA GLY B 236 -38.07 -14.28 -5.65
C GLY B 236 -38.01 -12.77 -5.60
N ILE B 237 -38.89 -12.21 -4.79
CA ILE B 237 -39.02 -10.77 -4.72
C ILE B 237 -39.10 -10.34 -3.27
N LEU B 238 -38.27 -9.35 -2.93
CA LEU B 238 -38.27 -8.77 -1.61
C LEU B 238 -39.03 -7.46 -1.66
N GLN B 239 -40.05 -7.34 -0.82
CA GLN B 239 -40.86 -6.13 -0.78
C GLN B 239 -40.38 -5.20 0.32
N VAL B 240 -39.97 -3.99 -0.07
CA VAL B 240 -39.42 -3.06 0.88
C VAL B 240 -40.33 -1.86 1.02
N ALA B 241 -40.96 -1.74 2.19
CA ALA B 241 -41.83 -0.61 2.46
C ALA B 241 -41.01 0.61 2.80
N ASN B 242 -41.38 1.75 2.22
CA ASN B 242 -40.75 3.02 2.52
C ASN B 242 -39.25 2.93 2.30
N ALA B 243 -38.89 2.38 1.15
CA ALA B 243 -37.50 2.12 0.80
C ALA B 243 -36.66 3.40 0.83
N ARG B 244 -35.46 3.28 1.39
CA ARG B 244 -34.49 4.34 1.38
C ARG B 244 -33.56 4.15 0.20
N LEU B 245 -33.80 4.88 -0.84
CA LEU B 245 -33.10 4.65 -2.08
C LEU B 245 -31.65 5.09 -1.98
N TRP B 246 -30.81 4.40 -2.73
CA TRP B 246 -29.43 4.80 -2.96
C TRP B 246 -29.42 5.94 -3.97
N GLU B 247 -28.88 7.10 -3.59
CA GLU B 247 -28.93 8.30 -4.43
C GLU B 247 -27.53 8.79 -4.77
N VAL B 248 -27.40 9.49 -5.85
CA VAL B 248 -26.11 10.04 -6.24
C VAL B 248 -25.51 10.89 -5.15
N ARG B 249 -24.26 10.61 -4.83
CA ARG B 249 -23.54 11.29 -3.75
C ARG B 249 -24.35 11.34 -2.44
N ASN B 250 -25.25 10.38 -2.27
CA ASN B 250 -26.05 10.27 -1.07
C ASN B 250 -26.48 8.82 -0.90
N ALA B 251 -25.50 7.96 -0.65
CA ALA B 251 -25.72 6.53 -0.65
C ALA B 251 -26.55 6.06 0.54
N TYR B 252 -27.31 5.01 0.31
CA TYR B 252 -27.87 4.21 1.40
C TYR B 252 -27.74 2.75 1.02
N LEU B 253 -27.22 1.94 1.92
CA LEU B 253 -26.94 0.55 1.60
C LEU B 253 -27.71 -0.40 2.52
N TYR B 254 -28.50 -1.27 1.91
CA TYR B 254 -29.08 -2.41 2.61
C TYR B 254 -28.07 -3.54 2.62
N GLN B 255 -28.32 -4.54 3.45
CA GLN B 255 -27.51 -5.75 3.43
C GLN B 255 -28.37 -6.93 3.03
N ILE B 256 -28.03 -7.58 1.92
CA ILE B 256 -28.75 -8.78 1.55
C ILE B 256 -28.07 -9.95 2.23
N VAL B 257 -28.90 -10.85 2.76
CA VAL B 257 -28.42 -12.03 3.49
C VAL B 257 -29.00 -13.26 2.83
N ILE B 258 -28.15 -14.13 2.31
CA ILE B 258 -28.61 -15.31 1.59
C ILE B 258 -28.21 -16.56 2.36
N LEU B 259 -29.21 -17.35 2.75
CA LEU B 259 -28.97 -18.52 3.59
C LEU B 259 -29.31 -19.79 2.85
N ILE B 260 -28.46 -20.81 2.97
CA ILE B 260 -28.83 -22.15 2.54
C ILE B 260 -29.14 -22.98 3.79
N THR B 261 -30.30 -23.62 3.81
CA THR B 261 -30.71 -24.36 5.00
C THR B 261 -31.05 -25.81 4.69
N ASP B 262 -30.96 -26.67 5.70
CA ASP B 262 -31.47 -28.03 5.56
C ASP B 262 -32.57 -28.31 6.60
N GLY B 263 -33.21 -27.24 7.08
CA GLY B 263 -34.26 -27.37 8.05
C GLY B 263 -33.68 -27.48 9.45
N ASN B 264 -32.85 -28.49 9.65
CA ASN B 264 -32.09 -28.63 10.90
C ASN B 264 -31.33 -27.34 11.21
N GLY B 265 -30.62 -26.83 10.21
CA GLY B 265 -29.84 -25.62 10.39
C GLY B 265 -29.37 -24.96 9.11
N VAL B 266 -28.44 -24.04 9.25
CA VAL B 266 -27.94 -23.26 8.14
C VAL B 266 -26.65 -23.88 7.61
N LEU B 267 -26.56 -24.00 6.30
CA LEU B 267 -25.37 -24.58 5.65
C LEU B 267 -24.38 -23.53 5.15
N ASP B 268 -24.91 -22.37 4.75
CA ASP B 268 -24.09 -21.29 4.23
C ASP B 268 -24.84 -19.99 4.44
N GLU B 269 -24.09 -18.89 4.54
CA GLU B 269 -24.71 -17.57 4.66
C GLU B 269 -23.86 -16.49 4.01
N TYR B 270 -24.32 -15.95 2.88
CA TYR B 270 -23.57 -14.90 2.21
C TYR B 270 -24.27 -13.57 2.42
N ARG B 271 -23.48 -12.54 2.67
CA ARG B 271 -23.95 -11.20 2.95
C ARG B 271 -23.23 -10.19 2.13
N GLU B 272 -23.93 -9.20 1.59
CA GLU B 272 -23.29 -8.14 0.83
C GLU B 272 -24.16 -6.90 0.93
N LYS B 273 -23.52 -5.74 0.94
CA LYS B 273 -24.26 -4.48 0.89
C LYS B 273 -24.68 -4.17 -0.53
N ILE B 274 -25.94 -3.76 -0.69
CA ILE B 274 -26.47 -3.38 -1.99
C ILE B 274 -27.26 -2.10 -1.84
N GLY B 275 -27.54 -1.44 -2.95
CA GLY B 275 -28.26 -0.18 -2.91
C GLY B 275 -29.45 -0.19 -3.85
N ILE B 276 -30.62 0.12 -3.32
CA ILE B 276 -31.83 0.15 -4.12
C ILE B 276 -31.87 1.39 -5.00
N ARG B 277 -31.74 1.18 -6.30
CA ARG B 277 -31.69 2.28 -7.26
C ARG B 277 -32.00 1.75 -8.64
N THR B 278 -32.62 2.58 -9.48
CA THR B 278 -32.86 2.20 -10.86
C THR B 278 -32.11 3.12 -11.82
N VAL B 279 -31.66 2.54 -12.92
CA VAL B 279 -31.01 3.30 -13.96
C VAL B 279 -31.64 2.97 -15.29
N ARG B 280 -32.08 3.99 -16.00
CA ARG B 280 -32.51 3.79 -17.36
C ARG B 280 -32.26 4.97 -18.25
N ILE B 281 -32.25 4.74 -19.55
CA ILE B 281 -32.15 5.81 -20.52
C ILE B 281 -33.55 6.12 -21.03
N GLU B 282 -33.91 7.38 -21.05
CA GLU B 282 -35.17 7.79 -21.62
C GLU B 282 -34.94 8.99 -22.53
N GLY B 283 -35.04 8.78 -23.83
CA GLY B 283 -34.72 9.82 -24.78
C GLY B 283 -33.27 10.18 -24.54
N THR B 284 -32.99 11.47 -24.41
CA THR B 284 -31.62 11.93 -24.26
C THR B 284 -31.23 12.03 -22.79
N LYS B 285 -32.06 11.48 -21.90
CA LYS B 285 -31.80 11.60 -20.47
C LYS B 285 -31.29 10.30 -19.84
N ILE B 286 -30.36 10.45 -18.90
CA ILE B 286 -29.93 9.34 -18.07
C ILE B 286 -30.69 9.45 -16.75
N LEU B 287 -31.59 8.51 -16.49
CA LEU B 287 -32.44 8.57 -15.30
C LEU B 287 -31.94 7.70 -14.17
N LEU B 288 -31.64 8.34 -13.04
CA LEU B 288 -31.34 7.61 -11.81
C LEU B 288 -32.51 7.75 -10.85
N ASN B 289 -33.12 6.64 -10.48
CA ASN B 289 -34.25 6.65 -9.56
C ASN B 289 -35.39 7.52 -10.07
N ASP B 290 -35.52 7.59 -11.39
CA ASP B 290 -36.60 8.33 -12.04
C ASP B 290 -36.33 9.83 -12.15
N ARG B 291 -35.06 10.21 -12.15
CA ARG B 291 -34.71 11.59 -12.32
C ARG B 291 -33.43 11.76 -13.11
N PRO B 292 -33.39 12.73 -14.00
CA PRO B 292 -32.20 12.91 -14.84
C PRO B 292 -30.97 13.23 -14.00
N VAL B 293 -29.85 12.65 -14.39
CA VAL B 293 -28.57 12.95 -13.75
C VAL B 293 -27.61 13.32 -14.87
N TYR B 294 -26.76 14.31 -14.60
CA TYR B 294 -25.74 14.72 -15.55
C TYR B 294 -24.43 14.18 -15.01
N LEU B 295 -23.71 13.38 -15.78
CA LEU B 295 -22.49 12.77 -15.26
C LEU B 295 -21.36 13.80 -15.23
N LYS B 296 -20.66 13.86 -14.11
CA LYS B 296 -19.57 14.79 -13.91
C LYS B 296 -18.42 14.02 -13.29
N GLY B 297 -17.26 13.98 -13.95
CA GLY B 297 -16.16 13.25 -13.35
C GLY B 297 -15.01 13.02 -14.31
N PHE B 298 -14.43 11.83 -14.23
CA PHE B 298 -13.20 11.55 -14.91
C PHE B 298 -13.12 10.12 -15.38
N GLY B 299 -12.28 9.88 -16.37
CA GLY B 299 -11.70 8.55 -16.51
C GLY B 299 -10.52 8.51 -15.54
N LYS B 300 -10.31 7.36 -14.93
CA LYS B 300 -9.20 7.20 -14.00
C LYS B 300 -8.23 6.17 -14.54
N HIS B 301 -7.37 5.67 -13.65
CA HIS B 301 -6.53 4.50 -13.91
C HIS B 301 -6.25 3.90 -12.55
N GLU B 302 -5.81 2.66 -12.51
CA GLU B 302 -5.20 2.14 -11.30
C GLU B 302 -3.71 2.40 -11.44
N ASP B 303 -3.25 3.47 -10.80
CA ASP B 303 -1.91 3.94 -11.08
C ASP B 303 -1.45 4.84 -9.94
N PHE B 304 -0.26 4.56 -9.42
CA PHE B 304 0.27 5.32 -8.29
C PHE B 304 1.79 5.14 -8.27
N PRO B 305 2.54 6.13 -7.76
CA PRO B 305 3.99 5.94 -7.76
C PRO B 305 4.44 4.67 -7.06
N ILE B 306 5.37 3.98 -7.71
CA ILE B 306 6.03 2.77 -7.21
C ILE B 306 5.14 1.52 -7.23
N LEU B 307 3.95 1.60 -6.65
CA LEU B 307 3.05 0.45 -6.63
C LEU B 307 2.52 0.08 -8.01
N GLY B 308 2.57 1.01 -8.96
CA GLY B 308 2.05 0.74 -10.29
C GLY B 308 0.54 0.66 -10.22
N ARG B 309 -0.04 -0.48 -10.61
CA ARG B 309 -1.49 -0.65 -10.43
C ARG B 309 -1.81 -1.35 -9.13
N GLY B 310 -0.81 -1.51 -8.27
CA GLY B 310 -1.00 -2.20 -7.01
C GLY B 310 -2.12 -1.60 -6.19
N PHE B 311 -3.01 -2.44 -5.69
CA PHE B 311 -4.14 -1.91 -4.92
C PHE B 311 -3.73 -1.43 -3.53
N HIS B 312 -4.25 -0.27 -3.14
CA HIS B 312 -4.08 0.21 -1.77
C HIS B 312 -5.30 1.06 -1.39
N TRP B 313 -5.91 0.76 -0.25
CA TRP B 313 -7.05 1.54 0.22
C TRP B 313 -6.73 3.03 0.39
N GLY B 314 -5.47 3.34 0.68
CA GLY B 314 -5.07 4.73 0.80
C GLY B 314 -5.26 5.49 -0.49
N ILE B 315 -4.99 4.83 -1.62
CA ILE B 315 -5.19 5.47 -2.90
C ILE B 315 -6.68 5.71 -3.14
N VAL B 316 -7.50 4.72 -2.81
CA VAL B 316 -8.94 4.89 -2.88
C VAL B 316 -9.40 6.10 -2.07
N LYS B 317 -8.95 6.17 -0.83
CA LYS B 317 -9.42 7.25 0.06
C LYS B 317 -9.01 8.63 -0.45
N ARG B 318 -7.73 8.80 -0.84
CA ARG B 318 -7.33 10.10 -1.35
C ARG B 318 -8.10 10.43 -2.62
N ASP B 319 -8.24 9.46 -3.51
CA ASP B 319 -8.88 9.75 -4.80
C ASP B 319 -10.33 10.15 -4.61
N PHE B 320 -11.05 9.46 -3.72
CA PHE B 320 -12.43 9.85 -3.49
C PHE B 320 -12.54 11.20 -2.81
N GLU B 321 -11.62 11.53 -1.91
CA GLU B 321 -11.67 12.86 -1.31
C GLU B 321 -11.44 13.94 -2.38
N CYS B 322 -10.50 13.69 -3.30
CA CYS B 322 -10.29 14.62 -4.40
C CYS B 322 -11.51 14.70 -5.30
N LEU B 323 -12.09 13.55 -5.62
CA LEU B 323 -13.31 13.53 -6.43
C LEU B 323 -14.42 14.33 -5.81
N LYS B 324 -14.63 14.16 -4.51
CA LYS B 324 -15.70 14.89 -3.83
C LYS B 324 -15.41 16.39 -3.81
N TRP B 325 -14.14 16.73 -3.63
CA TRP B 325 -13.71 18.13 -3.63
C TRP B 325 -14.00 18.78 -4.99
N THR B 326 -13.88 18.02 -6.09
CA THR B 326 -14.23 18.61 -7.38
C THR B 326 -15.74 18.65 -7.64
N ASN B 327 -16.53 18.09 -6.72
CA ASN B 327 -17.98 17.96 -6.89
C ASN B 327 -18.37 16.98 -8.02
N ALA B 328 -17.47 16.03 -8.28
CA ALA B 328 -17.74 14.97 -9.26
C ALA B 328 -18.81 14.01 -8.74
N ASN B 329 -19.45 13.27 -9.65
CA ASN B 329 -20.35 12.21 -9.21
C ASN B 329 -20.12 10.87 -9.92
N CYS B 330 -19.10 10.80 -10.76
CA CYS B 330 -18.98 9.65 -11.66
C CYS B 330 -17.55 9.40 -12.11
N PHE B 331 -17.16 8.14 -12.23
CA PHE B 331 -15.96 7.88 -13.02
C PHE B 331 -16.14 6.63 -13.87
N ARG B 332 -15.34 6.57 -14.93
CA ARG B 332 -15.25 5.42 -15.81
C ARG B 332 -14.02 4.61 -15.42
N THR B 333 -14.13 3.28 -15.36
CA THR B 333 -12.97 2.47 -15.02
C THR B 333 -12.11 2.24 -16.28
N SER B 334 -11.67 3.33 -16.87
CA SER B 334 -10.73 3.29 -17.99
C SER B 334 -9.43 2.61 -17.57
N HIS B 335 -8.91 1.63 -18.31
CA HIS B 335 -9.56 0.93 -19.42
C HIS B 335 -9.61 -0.56 -19.12
N TYR B 336 -10.13 -0.91 -17.94
CA TYR B 336 -10.14 -2.28 -17.44
C TYR B 336 -10.90 -2.24 -16.13
N PRO B 337 -11.53 -3.37 -15.75
CA PRO B 337 -12.18 -3.38 -14.43
C PRO B 337 -11.15 -3.14 -13.33
N TYR B 338 -11.51 -2.35 -12.33
CA TYR B 338 -10.61 -2.07 -11.23
C TYR B 338 -10.75 -3.11 -10.13
N ALA B 339 -9.89 -3.02 -9.12
CA ALA B 339 -10.03 -3.89 -7.96
C ALA B 339 -11.42 -3.68 -7.37
N GLU B 340 -12.00 -4.75 -6.86
CA GLU B 340 -13.38 -4.72 -6.38
C GLU B 340 -13.62 -3.65 -5.32
N GLU B 341 -12.58 -3.38 -4.54
CA GLU B 341 -12.65 -2.41 -3.47
C GLU B 341 -13.05 -1.01 -3.95
N TRP B 342 -12.68 -0.67 -5.19
CA TRP B 342 -13.06 0.64 -5.75
C TRP B 342 -14.57 0.80 -5.83
N TYR B 343 -15.22 -0.29 -6.22
CA TYR B 343 -16.67 -0.30 -6.40
C TYR B 343 -17.35 -0.34 -5.04
N GLN B 344 -16.78 -1.10 -4.10
CA GLN B 344 -17.33 -1.13 -2.75
C GLN B 344 -17.38 0.29 -2.19
N PHE B 345 -16.32 1.05 -2.45
CA PHE B 345 -16.23 2.38 -1.88
C PHE B 345 -17.14 3.34 -2.62
N ALA B 346 -17.25 3.19 -3.93
CA ALA B 346 -18.18 4.01 -4.71
C ALA B 346 -19.61 3.82 -4.21
N ASP B 347 -19.94 2.60 -3.84
CA ASP B 347 -21.27 2.26 -3.30
C ASP B 347 -21.52 3.09 -2.06
N GLU B 348 -20.49 3.17 -1.22
CA GLU B 348 -20.60 3.87 0.03
C GLU B 348 -20.72 5.37 -0.14
N GLU B 349 -19.95 5.89 -1.08
CA GLU B 349 -19.86 7.33 -1.33
C GLU B 349 -20.88 7.85 -2.34
N GLY B 350 -21.69 6.95 -2.89
CA GLY B 350 -22.72 7.36 -3.83
C GLY B 350 -22.18 7.81 -5.18
N PHE B 351 -21.05 7.24 -5.59
CA PHE B 351 -20.51 7.57 -6.91
C PHE B 351 -21.05 6.64 -7.98
N LEU B 352 -21.23 7.19 -9.18
CA LEU B 352 -21.67 6.41 -10.33
C LEU B 352 -20.47 5.89 -11.10
N ILE B 353 -20.53 4.63 -11.52
CA ILE B 353 -19.42 4.05 -12.25
C ILE B 353 -19.85 3.55 -13.62
N ILE B 354 -19.05 3.89 -14.62
CA ILE B 354 -19.14 3.20 -15.91
C ILE B 354 -18.04 2.16 -15.91
N ASP B 355 -18.44 0.89 -15.90
CA ASP B 355 -17.54 -0.25 -15.71
C ASP B 355 -17.05 -0.73 -17.08
N GLU B 356 -15.75 -0.64 -17.32
CA GLU B 356 -15.20 -0.88 -18.65
C GLU B 356 -14.32 -2.13 -18.73
N VAL B 357 -14.64 -2.98 -19.70
CA VAL B 357 -13.89 -4.18 -20.00
C VAL B 357 -12.63 -3.75 -20.77
N PRO B 358 -11.52 -4.53 -20.68
CA PRO B 358 -10.27 -4.01 -21.24
C PRO B 358 -10.17 -4.09 -22.77
N ALA B 359 -11.26 -3.78 -23.44
CA ALA B 359 -11.31 -3.83 -24.90
C ALA B 359 -10.75 -2.55 -25.50
N VAL B 360 -9.44 -2.47 -25.37
CA VAL B 360 -8.71 -1.31 -25.81
C VAL B 360 -7.55 -1.75 -26.67
N GLY B 361 -7.26 -0.98 -27.70
CA GLY B 361 -6.13 -1.26 -28.54
C GLY B 361 -6.52 -1.92 -29.81
N MET B 362 -7.77 -1.78 -30.17
CA MET B 362 -8.33 -2.43 -31.35
C MET B 362 -8.37 -1.47 -32.54
N MET B 363 -7.53 -0.44 -32.48
CA MET B 363 -7.47 0.59 -33.52
C MET B 363 -6.48 0.19 -34.61
N ARG B 364 -6.97 0.10 -35.85
CA ARG B 364 -6.13 -0.34 -36.96
C ARG B 364 -4.90 0.55 -37.17
N SER B 365 -5.09 1.86 -37.02
CA SER B 365 -4.02 2.82 -37.25
C SER B 365 -2.81 2.60 -36.34
N THR B 366 -3.06 2.40 -35.04
CA THR B 366 -1.95 2.26 -34.10
C THR B 366 -1.41 0.84 -34.13
N ARG B 367 -2.23 -0.13 -34.48
CA ARG B 367 -1.75 -1.47 -34.70
C ARG B 367 -0.71 -1.41 -35.81
N ASN B 368 -1.08 -0.88 -36.96
CA ASN B 368 -0.17 -0.78 -38.11
C ASN B 368 1.09 0.00 -37.77
N PHE B 369 0.92 1.11 -37.09
CA PHE B 369 2.03 1.94 -36.66
C PHE B 369 3.00 1.14 -35.78
N VAL B 370 2.47 0.51 -34.74
CA VAL B 370 3.28 -0.31 -33.85
C VAL B 370 3.68 -1.62 -34.50
N GLU B 382 -7.25 -8.79 -38.59
CA GLU B 382 -6.95 -10.07 -39.19
C GLU B 382 -7.99 -11.15 -39.11
N ALA B 383 -7.98 -11.88 -40.16
CA ALA B 383 -9.06 -12.78 -40.43
C ALA B 383 -8.92 -13.87 -39.42
N LEU B 384 -7.72 -14.19 -38.96
CA LEU B 384 -7.72 -15.45 -38.22
C LEU B 384 -7.75 -15.22 -36.70
N THR B 385 -7.33 -14.02 -36.28
CA THR B 385 -7.25 -13.72 -34.85
C THR B 385 -8.54 -13.15 -34.30
N VAL B 386 -9.33 -12.48 -35.14
CA VAL B 386 -10.52 -11.78 -34.64
C VAL B 386 -11.54 -12.72 -33.96
N PRO B 387 -11.78 -13.90 -34.54
CA PRO B 387 -12.69 -14.83 -33.85
C PRO B 387 -12.19 -15.25 -32.46
N GLU B 388 -10.88 -15.37 -32.29
CA GLU B 388 -10.33 -15.70 -30.99
C GLU B 388 -10.40 -14.49 -30.03
N LEU B 389 -10.13 -13.31 -30.57
CA LEU B 389 -10.28 -12.07 -29.80
C LEU B 389 -11.71 -11.91 -29.28
N LEU B 390 -12.71 -12.14 -30.14
CA LEU B 390 -14.11 -12.03 -29.73
C LEU B 390 -14.42 -12.94 -28.55
N LYS B 391 -13.88 -14.16 -28.58
CA LYS B 391 -14.05 -15.09 -27.48
C LYS B 391 -13.45 -14.54 -26.19
N SER B 392 -12.24 -14.00 -26.26
CA SER B 392 -11.62 -13.44 -25.07
C SER B 392 -12.41 -12.25 -24.55
N HIS B 393 -12.89 -11.44 -25.49
CA HIS B 393 -13.61 -10.21 -25.20
C HIS B 393 -14.90 -10.57 -24.48
N ILE B 394 -15.62 -11.55 -25.01
CA ILE B 394 -16.89 -11.96 -24.42
C ILE B 394 -16.65 -12.59 -23.03
N ALA B 395 -15.58 -13.37 -22.90
CA ALA B 395 -15.23 -13.97 -21.62
C ALA B 395 -14.95 -12.91 -20.56
N ASP B 396 -14.16 -11.89 -20.91
CA ASP B 396 -13.87 -10.82 -19.96
C ASP B 396 -15.15 -10.06 -19.61
N THR B 397 -16.01 -9.88 -20.60
CA THR B 397 -17.28 -9.21 -20.38
C THR B 397 -18.14 -10.00 -19.39
N GLU B 398 -18.23 -11.32 -19.58
CA GLU B 398 -18.96 -12.17 -18.66
C GLU B 398 -18.42 -12.11 -17.23
N GLU B 399 -17.11 -12.14 -17.12
CA GLU B 399 -16.51 -12.10 -15.79
C GLU B 399 -16.74 -10.76 -15.11
N MET B 400 -16.56 -9.66 -15.85
CA MET B 400 -16.77 -8.32 -15.31
C MET B 400 -18.18 -8.16 -14.79
N ILE B 401 -19.15 -8.54 -15.60
CA ILE B 401 -20.54 -8.30 -15.25
C ILE B 401 -20.98 -9.20 -14.11
N THR B 402 -20.55 -10.45 -14.13
CA THR B 402 -20.86 -11.35 -13.02
C THR B 402 -20.23 -10.81 -11.72
N ARG B 403 -19.03 -10.27 -11.80
CA ARG B 403 -18.36 -9.76 -10.62
C ARG B 403 -19.04 -8.50 -10.07
N ASP B 404 -19.47 -7.62 -10.96
CA ASP B 404 -19.78 -6.24 -10.56
C ASP B 404 -21.25 -5.85 -10.59
N LYS B 405 -22.10 -6.74 -11.07
CA LYS B 405 -23.50 -6.42 -11.31
C LYS B 405 -24.28 -5.93 -10.09
N ASN B 406 -23.91 -6.38 -8.90
CA ASN B 406 -24.71 -6.06 -7.72
C ASN B 406 -24.26 -4.80 -7.00
N HIS B 407 -23.27 -4.11 -7.55
CA HIS B 407 -22.89 -2.78 -7.03
C HIS B 407 -23.92 -1.75 -7.47
N PRO B 408 -24.52 -1.02 -6.52
CA PRO B 408 -25.39 0.10 -6.92
C PRO B 408 -24.63 1.17 -7.71
N SER B 409 -23.34 1.33 -7.45
CA SER B 409 -22.56 2.32 -8.19
C SER B 409 -22.48 2.04 -9.71
N VAL B 410 -22.51 0.77 -10.10
CA VAL B 410 -22.30 0.46 -11.52
C VAL B 410 -23.60 0.70 -12.28
N ILE B 411 -23.63 1.76 -13.09
CA ILE B 411 -24.84 2.15 -13.81
C ILE B 411 -24.76 1.85 -15.31
N ALA B 412 -23.58 1.47 -15.79
CA ALA B 412 -23.40 1.24 -17.22
C ALA B 412 -22.19 0.36 -17.47
N TRP B 413 -22.24 -0.41 -18.56
CA TRP B 413 -21.11 -1.18 -19.04
C TRP B 413 -20.50 -0.50 -20.25
N SER B 414 -19.19 -0.27 -20.21
CA SER B 414 -18.46 0.18 -21.40
C SER B 414 -17.76 -1.02 -22.01
N LEU B 415 -18.12 -1.35 -23.25
CA LEU B 415 -17.69 -2.61 -23.83
C LEU B 415 -16.53 -2.45 -24.80
N PHE B 416 -16.08 -1.21 -24.98
CA PHE B 416 -14.91 -0.94 -25.81
C PHE B 416 -14.39 0.47 -25.62
N ASN B 417 -13.12 0.68 -25.97
CA ASN B 417 -12.55 2.01 -26.02
C ASN B 417 -11.78 2.19 -27.32
N GLU B 418 -12.35 2.99 -28.23
CA GLU B 418 -11.68 3.35 -29.49
C GLU B 418 -11.32 2.17 -30.40
N PRO B 419 -12.30 1.30 -30.68
CA PRO B 419 -12.08 0.26 -31.68
C PRO B 419 -12.39 0.77 -33.08
N GLU B 420 -12.12 -0.05 -34.10
CA GLU B 420 -12.66 0.20 -35.43
C GLU B 420 -14.17 -0.04 -35.39
N THR B 421 -14.96 0.88 -35.94
CA THR B 421 -16.42 0.74 -35.87
C THR B 421 -17.13 1.02 -37.20
N ILE B 422 -16.36 1.26 -38.25
CA ILE B 422 -16.94 1.76 -39.49
C ILE B 422 -17.14 0.69 -40.56
N THR B 423 -16.95 -0.57 -40.20
CA THR B 423 -17.20 -1.66 -41.16
C THR B 423 -18.36 -2.51 -40.69
N ASP B 424 -18.97 -3.27 -41.60
CA ASP B 424 -20.05 -4.16 -41.22
C ASP B 424 -19.52 -5.29 -40.34
N TYR B 425 -18.27 -5.67 -40.58
CA TYR B 425 -17.61 -6.67 -39.75
C TYR B 425 -17.53 -6.25 -38.29
N ALA B 426 -17.21 -4.98 -38.06
CA ALA B 426 -17.14 -4.46 -36.69
C ALA B 426 -18.51 -4.50 -36.06
N TYR B 427 -19.54 -4.19 -36.85
CA TYR B 427 -20.90 -4.28 -36.31
C TYR B 427 -21.25 -5.69 -35.85
N GLU B 428 -20.90 -6.68 -36.66
CA GLU B 428 -21.22 -8.06 -36.31
C GLU B 428 -20.44 -8.51 -35.08
N TYR B 429 -19.20 -8.04 -34.98
CA TYR B 429 -18.36 -8.33 -33.82
C TYR B 429 -19.01 -7.78 -32.57
N PHE B 430 -19.33 -6.49 -32.57
CA PHE B 430 -19.85 -5.89 -31.36
C PHE B 430 -21.26 -6.31 -31.06
N LYS B 431 -22.02 -6.68 -32.09
CA LYS B 431 -23.35 -7.22 -31.85
C LYS B 431 -23.27 -8.44 -30.92
N GLU B 432 -22.27 -9.28 -31.11
CA GLU B 432 -22.12 -10.46 -30.25
C GLU B 432 -21.70 -10.09 -28.83
N VAL B 433 -20.82 -9.09 -28.69
CA VAL B 433 -20.41 -8.63 -27.36
C VAL B 433 -21.59 -8.04 -26.60
N PHE B 434 -22.38 -7.21 -27.26
CA PHE B 434 -23.49 -6.57 -26.59
C PHE B 434 -24.55 -7.60 -26.22
N ALA B 435 -24.74 -8.59 -27.09
CA ALA B 435 -25.70 -9.67 -26.83
C ALA B 435 -25.27 -10.46 -25.61
N ALA B 436 -23.98 -10.74 -25.51
CA ALA B 436 -23.44 -11.46 -24.36
C ALA B 436 -23.64 -10.66 -23.09
N ALA B 437 -23.30 -9.37 -23.14
CA ALA B 437 -23.42 -8.50 -21.97
C ALA B 437 -24.86 -8.50 -21.46
N GLU B 438 -25.79 -8.35 -22.38
CA GLU B 438 -27.21 -8.36 -22.05
C GLU B 438 -27.65 -9.62 -21.32
N THR B 439 -27.17 -10.78 -21.75
CA THR B 439 -27.61 -12.01 -21.10
C THR B 439 -26.99 -12.18 -19.72
N TYR B 440 -25.82 -11.63 -19.50
CA TYR B 440 -25.20 -11.80 -18.21
C TYR B 440 -25.67 -10.78 -17.20
N ASP B 441 -26.21 -9.66 -17.65
CA ASP B 441 -26.67 -8.65 -16.72
C ASP B 441 -28.16 -8.79 -16.38
N PHE B 442 -28.42 -9.30 -15.19
CA PHE B 442 -29.77 -9.44 -14.66
C PHE B 442 -30.55 -8.12 -14.73
N GLN B 443 -29.85 -6.99 -14.59
CA GLN B 443 -30.51 -5.71 -14.57
C GLN B 443 -30.70 -5.12 -15.97
N SER B 444 -30.01 -5.67 -16.95
CA SER B 444 -30.04 -5.12 -18.30
C SER B 444 -29.80 -3.60 -18.28
N ARG B 445 -28.76 -3.16 -17.58
CA ARG B 445 -28.54 -1.72 -17.47
C ARG B 445 -27.90 -1.22 -18.75
N PRO B 446 -27.82 0.11 -18.90
CA PRO B 446 -27.31 0.74 -20.13
C PRO B 446 -25.95 0.22 -20.55
N MET B 447 -25.78 -0.02 -21.85
CA MET B 447 -24.51 -0.44 -22.39
C MET B 447 -23.99 0.59 -23.38
N THR B 448 -22.68 0.74 -23.42
CA THR B 448 -22.05 1.76 -24.24
C THR B 448 -20.62 1.34 -24.59
N GLY B 449 -19.90 2.24 -25.25
CA GLY B 449 -18.48 2.11 -25.47
C GLY B 449 -17.97 3.49 -25.86
N ALA B 450 -16.67 3.72 -25.75
CA ALA B 450 -16.11 5.03 -26.10
C ALA B 450 -15.56 5.03 -27.52
N PHE B 451 -16.00 5.99 -28.31
CA PHE B 451 -15.64 6.07 -29.73
C PHE B 451 -14.54 7.08 -29.98
N GLU B 452 -13.55 6.68 -30.78
CA GLU B 452 -12.52 7.60 -31.28
C GLU B 452 -13.09 8.47 -32.41
N LYS B 453 -12.39 9.54 -32.76
CA LYS B 453 -12.89 10.48 -33.76
C LYS B 453 -13.02 9.84 -35.15
N ASN B 454 -12.26 8.77 -35.39
CA ASN B 454 -12.32 8.09 -36.69
C ASN B 454 -13.69 7.47 -36.93
N SER B 455 -14.43 7.25 -35.85
CA SER B 455 -15.80 6.75 -35.95
C SER B 455 -16.73 7.91 -36.31
N LYS B 456 -16.62 8.39 -37.55
CA LYS B 456 -17.38 9.56 -37.98
C LYS B 456 -18.87 9.23 -37.98
N PRO B 457 -19.71 10.23 -37.64
CA PRO B 457 -21.16 10.02 -37.64
C PRO B 457 -21.66 9.45 -38.98
N GLU B 458 -20.99 9.79 -40.08
CA GLU B 458 -21.43 9.31 -41.39
C GLU B 458 -20.95 7.90 -41.70
N LEU B 459 -20.02 7.39 -40.89
CA LEU B 459 -19.36 6.12 -41.18
C LEU B 459 -19.58 5.05 -40.13
N CYS B 460 -19.68 5.46 -38.86
CA CYS B 460 -19.80 4.51 -37.76
C CYS B 460 -21.02 3.60 -37.92
N LYS B 461 -20.82 2.31 -37.72
CA LYS B 461 -21.90 1.33 -37.83
C LYS B 461 -22.34 0.79 -36.48
N CYS B 462 -21.63 1.18 -35.44
CA CYS B 462 -21.80 0.54 -34.14
C CYS B 462 -22.55 1.36 -33.09
N TYR B 463 -22.68 2.67 -33.28
CA TYR B 463 -23.32 3.46 -32.23
C TYR B 463 -24.78 3.04 -31.99
N PRO B 464 -25.49 2.52 -33.02
CA PRO B 464 -26.87 2.06 -32.74
C PRO B 464 -26.96 0.91 -31.73
N LEU B 465 -25.86 0.22 -31.47
CA LEU B 465 -25.83 -0.83 -30.46
C LEU B 465 -25.87 -0.26 -29.05
N CYS B 466 -25.48 1.01 -28.90
CA CYS B 466 -25.36 1.62 -27.58
C CYS B 466 -26.68 2.19 -27.06
N ASP B 467 -26.84 2.19 -25.74
CA ASP B 467 -27.98 2.86 -25.13
C ASP B 467 -27.72 4.36 -24.94
N PHE B 468 -26.45 4.70 -24.78
CA PHE B 468 -26.00 6.09 -24.86
C PHE B 468 -24.61 6.06 -25.47
N ILE B 469 -24.20 7.18 -26.05
CA ILE B 469 -22.97 7.23 -26.82
C ILE B 469 -21.88 7.99 -26.08
N CYS B 470 -20.73 7.34 -25.94
CA CYS B 470 -19.57 7.98 -25.31
C CYS B 470 -18.56 8.38 -26.36
N LEU B 471 -18.17 9.66 -26.36
CA LEU B 471 -17.18 10.15 -27.33
C LEU B 471 -15.89 10.57 -26.64
N ASN B 472 -14.77 10.11 -27.19
CA ASN B 472 -13.45 10.62 -26.86
C ASN B 472 -13.07 11.66 -27.91
N ARG B 473 -12.90 12.91 -27.51
CA ARG B 473 -12.57 13.96 -28.49
C ARG B 473 -11.50 14.87 -27.93
N TYR B 474 -10.58 15.26 -28.80
CA TYR B 474 -9.47 16.11 -28.40
C TYR B 474 -9.35 17.32 -29.32
N TYR B 475 -10.48 17.95 -29.57
CA TYR B 475 -10.52 19.22 -30.27
C TYR B 475 -9.85 20.28 -29.40
N GLY B 476 -8.71 20.78 -29.87
CA GLY B 476 -7.92 21.70 -29.09
C GLY B 476 -6.67 21.06 -28.52
N TRP B 477 -6.50 19.75 -28.75
CA TRP B 477 -5.24 19.13 -28.38
C TRP B 477 -4.62 18.43 -29.60
N TYR B 478 -5.13 17.26 -29.95
CA TYR B 478 -4.60 16.55 -31.12
C TYR B 478 -5.07 17.20 -32.41
N ILE B 479 -6.23 17.85 -32.34
CA ILE B 479 -6.82 18.54 -33.48
C ILE B 479 -6.84 20.04 -33.26
N SER B 480 -6.11 20.76 -34.10
CA SER B 480 -6.12 22.23 -34.09
C SER B 480 -5.82 22.83 -32.73
N GLY B 481 -4.76 22.35 -32.10
CA GLY B 481 -4.37 22.87 -30.79
C GLY B 481 -3.72 24.25 -30.82
N GLY B 482 -3.68 24.88 -29.65
CA GLY B 482 -2.91 26.11 -29.47
C GLY B 482 -3.43 27.28 -30.27
N PRO B 483 -2.60 27.81 -31.19
CA PRO B 483 -3.03 28.98 -31.96
C PRO B 483 -4.26 28.70 -32.81
N GLU B 484 -4.52 27.42 -33.06
CA GLU B 484 -5.66 27.02 -33.89
C GLU B 484 -6.89 26.67 -33.06
N ILE B 485 -6.91 27.02 -31.77
CA ILE B 485 -7.98 26.54 -30.90
C ILE B 485 -9.36 27.05 -31.33
N GLU B 486 -9.41 28.23 -31.94
CA GLU B 486 -10.65 28.75 -32.48
C GLU B 486 -11.16 27.83 -33.58
N GLU B 487 -10.26 27.39 -34.42
CA GLU B 487 -10.59 26.45 -35.47
C GLU B 487 -11.05 25.12 -34.87
N ALA B 488 -10.41 24.72 -33.77
CA ALA B 488 -10.78 23.51 -33.06
C ALA B 488 -12.24 23.57 -32.62
N GLU B 489 -12.67 24.73 -32.14
CA GLU B 489 -14.03 24.88 -31.64
C GLU B 489 -15.02 24.77 -32.81
N GLU B 490 -14.65 25.37 -33.94
CA GLU B 490 -15.47 25.29 -35.15
C GLU B 490 -15.62 23.85 -35.61
N LEU B 491 -14.50 23.14 -35.65
CA LEU B 491 -14.51 21.74 -36.05
C LEU B 491 -15.35 20.89 -35.09
N PHE B 492 -15.25 21.20 -33.81
CA PHE B 492 -16.00 20.47 -32.78
C PHE B 492 -17.51 20.67 -32.98
N ARG B 493 -17.92 21.94 -33.11
CA ARG B 493 -19.32 22.26 -33.36
C ARG B 493 -19.81 21.65 -34.67
N ASP B 494 -18.97 21.63 -35.69
CA ASP B 494 -19.31 21.01 -36.93
C ASP B 494 -19.68 19.55 -36.72
N GLU B 495 -18.86 18.83 -35.98
CA GLU B 495 -19.16 17.41 -35.75
C GLU B 495 -20.43 17.27 -34.92
N MET B 496 -20.54 18.04 -33.85
CA MET B 496 -21.70 17.90 -32.98
C MET B 496 -22.98 18.33 -33.70
N ASP B 497 -22.86 19.26 -34.65
CA ASP B 497 -24.01 19.61 -35.49
C ASP B 497 -24.43 18.42 -36.36
N ARG B 498 -23.44 17.67 -36.85
CA ARG B 498 -23.74 16.47 -37.62
C ARG B 498 -24.44 15.44 -36.74
N TRP B 499 -23.94 15.23 -35.53
CA TRP B 499 -24.62 14.33 -34.59
C TRP B 499 -26.02 14.82 -34.29
N LYS B 500 -26.16 16.10 -34.03
CA LYS B 500 -27.43 16.71 -33.76
C LYS B 500 -28.44 16.47 -34.87
N ALA B 501 -27.98 16.55 -36.08
CA ALA B 501 -28.87 16.45 -37.25
C ALA B 501 -29.37 15.03 -37.47
N LYS B 502 -28.70 14.06 -36.84
CA LYS B 502 -29.12 12.68 -36.90
C LYS B 502 -30.32 12.42 -35.99
N GLU B 503 -30.53 13.32 -35.04
CA GLU B 503 -31.68 13.23 -34.13
C GLU B 503 -31.84 11.84 -33.56
N LEU B 504 -30.76 11.30 -32.98
CA LEU B 504 -30.75 9.93 -32.51
C LEU B 504 -31.60 9.75 -31.26
N ASN B 505 -31.87 10.84 -30.57
CA ASN B 505 -32.59 10.84 -29.31
C ASN B 505 -31.95 9.95 -28.26
N VAL B 506 -30.63 9.95 -28.19
CA VAL B 506 -29.92 9.23 -27.12
C VAL B 506 -28.98 10.22 -26.43
N PRO B 507 -28.63 9.94 -25.17
CA PRO B 507 -27.68 10.81 -24.49
C PRO B 507 -26.27 10.63 -25.06
N PHE B 508 -25.51 11.72 -25.05
CA PHE B 508 -24.09 11.69 -25.38
C PHE B 508 -23.32 12.03 -24.12
N VAL B 509 -22.29 11.26 -23.83
CA VAL B 509 -21.36 11.56 -22.74
C VAL B 509 -19.97 11.69 -23.32
N PHE B 510 -19.27 12.78 -22.98
CA PHE B 510 -17.87 12.86 -23.36
C PHE B 510 -17.03 12.11 -22.33
N THR B 511 -16.34 11.06 -22.79
CA THR B 511 -15.59 10.20 -21.87
C THR B 511 -14.09 10.49 -21.91
N GLU B 512 -13.65 11.27 -22.88
CA GLU B 512 -12.27 11.81 -22.89
C GLU B 512 -12.24 13.16 -23.54
N PHE B 513 -11.52 14.08 -22.90
CA PHE B 513 -11.12 15.38 -23.44
C PHE B 513 -10.09 15.91 -22.45
N GLY B 514 -9.02 16.53 -22.95
CA GLY B 514 -8.01 17.03 -22.03
C GLY B 514 -6.76 17.43 -22.79
N THR B 515 -5.80 17.99 -22.05
CA THR B 515 -4.54 18.46 -22.63
C THR B 515 -3.39 17.97 -21.77
N ASP B 516 -2.26 17.59 -22.35
CA ASP B 516 -1.12 17.31 -21.50
C ASP B 516 -0.72 18.61 -20.86
N THR B 517 -0.42 18.55 -19.57
CA THR B 517 -0.21 19.75 -18.78
C THR B 517 0.89 19.47 -17.78
N MET B 518 2.00 20.14 -17.93
CA MET B 518 3.08 20.01 -17.01
C MET B 518 2.86 20.89 -15.79
N ALA B 519 2.77 20.27 -14.60
CA ALA B 519 2.63 21.06 -13.38
C ALA B 519 3.77 22.07 -13.31
N GLY B 520 3.43 23.33 -13.10
CA GLY B 520 4.43 24.36 -12.96
C GLY B 520 4.79 25.06 -14.26
N LEU B 521 4.30 24.56 -15.39
CA LEU B 521 4.52 25.25 -16.66
C LEU B 521 3.46 26.32 -16.86
N HIS B 522 3.88 27.56 -16.67
CA HIS B 522 3.02 28.73 -16.77
C HIS B 522 3.41 29.56 -17.97
N LYS B 523 2.43 30.04 -18.71
CA LYS B 523 2.74 30.96 -19.78
C LYS B 523 1.60 31.92 -20.05
N LEU B 524 1.97 33.16 -20.35
CA LEU B 524 1.04 34.24 -20.69
C LEU B 524 1.54 34.97 -21.94
N PRO B 525 0.83 34.80 -23.07
CA PRO B 525 -0.37 33.97 -23.24
C PRO B 525 -0.03 32.48 -23.15
N SER B 526 -1.05 31.66 -22.93
CA SER B 526 -0.84 30.22 -22.72
C SER B 526 -0.25 29.51 -23.95
N ILE B 527 0.38 28.38 -23.69
CA ILE B 527 0.84 27.48 -24.74
C ILE B 527 0.33 26.09 -24.43
N MET B 528 0.16 25.27 -25.46
CA MET B 528 -0.06 23.85 -25.23
C MET B 528 0.99 23.34 -24.25
N TRP B 529 0.53 22.59 -23.24
CA TRP B 529 1.32 21.98 -22.15
C TRP B 529 1.34 22.85 -20.89
N SER B 530 0.92 24.12 -21.00
CA SER B 530 0.89 24.98 -19.81
C SER B 530 -0.37 24.76 -19.02
N GLU B 531 -0.32 25.12 -17.74
CA GLU B 531 -1.50 25.02 -16.88
C GLU B 531 -2.61 25.93 -17.37
N GLU B 532 -2.24 27.08 -17.92
CA GLU B 532 -3.24 28.04 -18.38
C GLU B 532 -3.99 27.52 -19.60
N TYR B 533 -3.27 26.86 -20.50
CA TYR B 533 -3.90 26.27 -21.66
C TYR B 533 -4.91 25.18 -21.27
N GLN B 534 -4.57 24.38 -20.26
CA GLN B 534 -5.51 23.35 -19.81
C GLN B 534 -6.85 24.01 -19.42
N LYS B 535 -6.77 25.11 -18.68
CA LYS B 535 -7.98 25.85 -18.32
C LYS B 535 -8.74 26.35 -19.55
N GLU B 536 -8.02 26.96 -20.48
CA GLU B 536 -8.67 27.56 -21.64
C GLU B 536 -9.31 26.50 -22.53
N TYR B 537 -8.60 25.38 -22.67
CA TYR B 537 -9.11 24.24 -23.43
C TYR B 537 -10.41 23.71 -22.83
N LEU B 538 -10.44 23.55 -21.51
CA LEU B 538 -11.63 23.07 -20.83
C LEU B 538 -12.80 24.05 -21.01
N GLU B 539 -12.53 25.33 -20.85
CA GLU B 539 -13.58 26.33 -21.02
C GLU B 539 -14.16 26.26 -22.42
N MET B 540 -13.32 26.07 -23.42
CA MET B 540 -13.82 25.97 -24.80
C MET B 540 -14.67 24.72 -24.95
N ASN B 541 -14.19 23.61 -24.41
CA ASN B 541 -14.96 22.38 -24.49
C ASN B 541 -16.33 22.51 -23.81
N PHE B 542 -16.37 23.15 -22.64
CA PHE B 542 -17.63 23.33 -21.93
C PHE B 542 -18.62 24.12 -22.78
N ARG B 543 -18.13 25.18 -23.45
CA ARG B 543 -19.00 25.98 -24.30
C ARG B 543 -19.66 25.11 -25.37
N VAL B 544 -18.89 24.20 -25.95
CA VAL B 544 -19.45 23.28 -26.94
C VAL B 544 -20.43 22.30 -26.29
N PHE B 545 -20.02 21.66 -25.18
CA PHE B 545 -20.90 20.72 -24.48
C PHE B 545 -22.26 21.35 -24.25
N ASP B 546 -22.22 22.58 -23.75
CA ASP B 546 -23.42 23.24 -23.27
C ASP B 546 -24.31 23.73 -24.41
N SER B 547 -23.82 23.62 -25.64
CA SER B 547 -24.59 24.02 -26.81
C SER B 547 -25.52 22.92 -27.31
N TYR B 548 -25.44 21.73 -26.73
CA TYR B 548 -26.22 20.60 -27.22
C TYR B 548 -27.03 19.94 -26.10
N GLU B 549 -28.35 19.86 -26.31
CA GLU B 549 -29.25 19.35 -25.28
C GLU B 549 -28.93 17.90 -24.93
N PHE B 550 -28.50 17.13 -25.91
CA PHE B 550 -28.37 15.69 -25.74
C PHE B 550 -27.06 15.29 -25.06
N VAL B 551 -26.19 16.27 -24.81
CA VAL B 551 -25.00 16.00 -24.01
C VAL B 551 -25.40 15.93 -22.54
N GLN B 552 -25.15 14.79 -21.92
CA GLN B 552 -25.64 14.56 -20.57
C GLN B 552 -24.53 14.05 -19.65
N GLY B 553 -23.28 14.23 -20.04
CA GLY B 553 -22.20 13.86 -19.15
C GLY B 553 -20.85 14.28 -19.67
N GLU B 554 -19.92 14.51 -18.75
CA GLU B 554 -18.57 14.92 -19.12
C GLU B 554 -17.60 14.26 -18.13
N LEU B 555 -16.79 13.35 -18.65
CA LEU B 555 -15.80 12.65 -17.83
C LEU B 555 -14.44 12.98 -18.43
N ALA B 556 -13.69 13.83 -17.75
CA ALA B 556 -12.45 14.35 -18.30
C ALA B 556 -11.35 13.33 -18.31
N TRP B 557 -10.46 13.44 -19.30
CA TRP B 557 -9.27 12.62 -19.33
C TRP B 557 -8.11 13.48 -18.85
N ASN B 558 -7.42 13.13 -17.75
CA ASN B 558 -7.66 12.01 -16.87
C ASN B 558 -7.78 12.61 -15.47
N PHE B 559 -8.28 11.84 -14.50
CA PHE B 559 -8.24 12.26 -13.10
C PHE B 559 -6.83 12.69 -12.69
N ALA B 560 -5.84 11.84 -12.98
CA ALA B 560 -4.47 12.11 -12.54
C ALA B 560 -3.45 11.66 -13.58
N ASP B 561 -2.31 12.34 -13.63
CA ASP B 561 -1.19 11.93 -14.47
C ASP B 561 -0.88 10.47 -14.20
N PHE B 562 -0.57 9.70 -15.24
CA PHE B 562 -0.35 8.27 -15.06
C PHE B 562 0.75 7.72 -15.98
N GLN B 563 1.27 6.55 -15.64
CA GLN B 563 2.41 6.01 -16.39
C GLN B 563 2.00 5.45 -17.75
N THR B 564 2.84 5.69 -18.75
CA THR B 564 2.65 5.14 -20.09
C THR B 564 3.95 4.48 -20.52
N THR B 565 3.92 3.79 -21.65
CA THR B 565 5.15 3.44 -22.37
C THR B 565 5.96 4.72 -22.59
N GLU B 566 7.29 4.64 -22.46
CA GLU B 566 8.07 5.84 -22.71
C GLU B 566 8.17 6.04 -24.23
N GLY B 567 8.38 7.28 -24.63
CA GLY B 567 8.47 7.62 -26.03
C GLY B 567 8.59 9.12 -26.20
N ILE B 568 8.65 9.58 -27.44
CA ILE B 568 8.88 11.00 -27.71
C ILE B 568 7.64 11.85 -27.45
N MET B 569 6.51 11.21 -27.21
CA MET B 569 5.29 11.96 -27.01
C MET B 569 4.78 11.86 -25.59
N ARG B 570 5.56 11.20 -24.73
CA ARG B 570 5.19 11.01 -23.33
C ARG B 570 6.33 11.43 -22.38
N VAL B 571 6.11 12.53 -21.67
CA VAL B 571 7.12 13.11 -20.80
C VAL B 571 6.95 12.58 -19.37
N ASP B 572 7.49 11.40 -19.10
CA ASP B 572 7.20 10.66 -17.88
C ASP B 572 5.70 10.41 -17.79
N GLY B 573 5.22 9.60 -18.71
CA GLY B 573 3.83 9.20 -18.75
C GLY B 573 2.93 10.26 -19.37
N ASN B 574 1.64 10.12 -19.07
CA ASN B 574 0.59 10.95 -19.61
C ASN B 574 0.29 12.09 -18.65
N HIS B 575 0.31 13.33 -19.13
CA HIS B 575 0.13 14.46 -18.24
C HIS B 575 -1.20 15.17 -18.43
N LYS B 576 -2.20 14.45 -18.92
CA LYS B 576 -3.51 15.05 -19.06
C LYS B 576 -4.27 15.01 -17.75
N GLY B 577 -3.59 14.57 -16.69
CA GLY B 577 -4.23 14.61 -15.39
C GLY B 577 -4.67 16.01 -15.00
N VAL B 578 -5.79 16.08 -14.31
CA VAL B 578 -6.25 17.30 -13.67
C VAL B 578 -5.55 17.40 -12.31
N PHE B 579 -5.20 16.25 -11.77
CA PHE B 579 -4.32 16.16 -10.62
C PHE B 579 -2.97 15.57 -11.02
N THR B 580 -1.94 15.85 -10.24
CA THR B 580 -0.67 15.20 -10.43
C THR B 580 -0.75 13.72 -10.04
N ARG B 581 0.27 12.94 -10.35
CA ARG B 581 0.27 11.53 -10.01
C ARG B 581 0.23 11.31 -8.50
N ASP B 582 0.80 12.23 -7.73
CA ASP B 582 0.70 12.12 -6.28
C ASP B 582 -0.54 12.86 -5.77
N ARG B 583 -1.47 13.15 -6.68
CA ARG B 583 -2.84 13.51 -6.32
C ARG B 583 -2.94 14.95 -5.81
N GLN B 584 -2.28 15.88 -6.46
CA GLN B 584 -2.43 17.30 -6.10
C GLN B 584 -2.95 18.06 -7.31
N PRO B 585 -3.77 19.10 -7.06
CA PRO B 585 -4.47 19.77 -8.15
C PRO B 585 -3.63 20.74 -8.98
N LYS B 586 -3.72 20.60 -10.29
CA LYS B 586 -3.26 21.64 -11.20
C LYS B 586 -4.30 22.76 -11.20
N ALA B 587 -3.99 23.87 -11.87
CA ALA B 587 -4.91 25.01 -11.88
C ALA B 587 -6.30 24.63 -12.40
N ALA B 588 -6.37 23.72 -13.35
CA ALA B 588 -7.64 23.34 -13.98
C ALA B 588 -8.58 22.61 -13.03
N ALA B 589 -8.06 22.03 -11.94
CA ALA B 589 -8.93 21.29 -11.03
C ALA B 589 -10.02 22.20 -10.48
N VAL B 590 -9.66 23.46 -10.20
CA VAL B 590 -10.63 24.39 -9.65
C VAL B 590 -11.71 24.74 -10.68
N VAL B 591 -11.34 24.71 -11.95
CA VAL B 591 -12.30 24.98 -13.01
C VAL B 591 -13.42 23.94 -12.96
N PHE B 592 -13.06 22.66 -12.83
CA PHE B 592 -14.05 21.59 -12.67
C PHE B 592 -14.85 21.76 -11.39
N LYS B 593 -14.15 22.07 -10.29
CA LYS B 593 -14.82 22.22 -9.00
C LYS B 593 -15.93 23.27 -9.11
N ASP B 594 -15.58 24.42 -9.67
CA ASP B 594 -16.53 25.53 -9.77
C ASP B 594 -17.69 25.21 -10.72
N ARG B 595 -17.38 24.58 -11.84
CA ARG B 595 -18.44 24.21 -12.79
C ARG B 595 -19.38 23.14 -12.25
N TRP B 596 -18.83 22.14 -11.58
CA TRP B 596 -19.64 21.02 -11.13
C TRP B 596 -20.39 21.31 -9.83
N GLU B 597 -20.03 22.40 -9.16
CA GLU B 597 -20.71 22.76 -7.91
C GLU B 597 -22.20 22.96 -8.14
#